data_5Z70
#
_entry.id   5Z70
#
_cell.length_a   62.061
_cell.length_b   235.252
_cell.length_c   176.372
_cell.angle_alpha   90.000
_cell.angle_beta   90.000
_cell.angle_gamma   90.000
#
_symmetry.space_group_name_H-M   'C 2 2 21'
#
loop_
_entity.id
_entity.type
_entity.pdbx_description
1 polymer 'Oleate hydratase'
2 water water
#
_entity_poly.entity_id   1
_entity_poly.type   'polypeptide(L)'
_entity_poly.pdbx_seq_one_letter_code
;QVEGRKAWIIGSGIAGLASAFYLIRDGRMKGQDITILDAVGTPGGSLDGSGNAEDGYLIRGGREMNWNYDHFWDLFQDIP
ALEYPSPYSVLDEYRAVNDNDPNWSKSRLMHKQGQIRDFSTLGLSSAHQWELIKLLLKRKEDLDDITIEQYFSDSFLETN
FWYLWRSMFAFQNWQSLLEVKLYMHRFLDAIDGLTDMSALVFPKYNQYDSFVVPLVNYLKGQGVNVEFGTRVYDLDMTDN
NGERTVTSILAKVDGRDQKIDIGAKDVVFALTGSMTEGTAYGDLDTAPDLTRATTPPGDSSDWALWQNLAKKSHVFGKPE
KFCGQPSRSMWESATLTCKPSPLTERLKDLSINDPYSGKTVTGGIITFTDSNWVLSFTCNRQPHFPTQPDDVLVLWVYAL
VMDSKGNHVLKPMPECTGREILAELCYHLGIVDQVDEVARQTKVRLALMPFITAQFMPRAAGDRPRVVPAGCTNLALLGQ
FVETSNDIIFTMESSVRTARIGVYTLLGLRKQVADISPTQYDVRNLIKGARALNNNEPFMGERLLHRLLDNTYFAHILPP
LPAGDGGSSDQAASSRMKANHTAAAALGAVSDWIHHVRDKLKPGA
;
_entity_poly.pdbx_strand_id   A,B
#
# COMPACT_ATOMS: atom_id res chain seq x y z
N GLU A 3 5.86 15.04 -30.72
CA GLU A 3 6.53 15.19 -29.44
C GLU A 3 5.86 16.17 -28.45
N GLY A 4 4.55 16.33 -28.52
CA GLY A 4 3.70 16.51 -27.36
C GLY A 4 2.52 15.60 -27.66
N ARG A 5 2.82 14.31 -27.72
CA ARG A 5 1.91 13.26 -28.12
C ARG A 5 1.46 12.46 -26.92
N LYS A 6 0.48 11.58 -27.16
CA LYS A 6 -0.02 10.67 -26.14
C LYS A 6 0.11 9.23 -26.63
N ALA A 7 0.11 8.31 -25.68
CA ALA A 7 0.33 6.89 -25.96
C ALA A 7 -0.82 6.07 -25.42
N TRP A 8 -1.26 5.09 -26.21
CA TRP A 8 -2.36 4.21 -25.87
C TRP A 8 -1.84 2.78 -25.84
N ILE A 9 -2.07 2.09 -24.73
CA ILE A 9 -1.52 0.76 -24.49
C ILE A 9 -2.68 -0.21 -24.30
N ILE A 10 -2.90 -1.07 -25.29
CA ILE A 10 -3.99 -2.04 -25.26
C ILE A 10 -3.51 -3.30 -24.58
N GLY A 11 -4.05 -3.59 -23.41
CA GLY A 11 -3.71 -4.82 -22.68
C GLY A 11 -3.04 -4.55 -21.36
N SER A 12 -3.54 -5.21 -20.32
CA SER A 12 -2.94 -5.13 -18.99
C SER A 12 -2.10 -6.39 -18.76
N GLY A 13 -0.78 -6.22 -18.80
CA GLY A 13 0.12 -7.29 -18.49
C GLY A 13 1.54 -6.77 -18.40
N ILE A 14 2.49 -7.70 -18.25
CA ILE A 14 3.89 -7.31 -18.17
C ILE A 14 4.32 -6.59 -19.44
N ALA A 15 3.79 -7.02 -20.59
CA ALA A 15 4.12 -6.38 -21.86
C ALA A 15 3.62 -4.93 -21.89
N GLY A 16 2.37 -4.70 -21.49
CA GLY A 16 1.83 -3.35 -21.51
C GLY A 16 2.56 -2.42 -20.54
N LEU A 17 2.69 -2.85 -19.28
CA LEU A 17 3.37 -2.04 -18.27
C LEU A 17 4.80 -1.70 -18.70
N ALA A 18 5.52 -2.66 -19.27
CA ALA A 18 6.90 -2.42 -19.68
C ALA A 18 6.96 -1.36 -20.78
N SER A 19 5.98 -1.38 -21.70
CA SER A 19 5.93 -0.34 -22.74
C SER A 19 5.78 1.03 -22.13
N ALA A 20 4.89 1.17 -21.13
CA ALA A 20 4.74 2.44 -20.44
C ALA A 20 6.04 2.87 -19.78
N PHE A 21 6.75 1.93 -19.15
CA PHE A 21 8.03 2.25 -18.52
C PHE A 21 9.01 2.79 -19.55
N TYR A 22 9.14 2.11 -20.69
CA TYR A 22 10.12 2.52 -21.70
C TYR A 22 9.73 3.83 -22.36
N LEU A 23 8.43 4.14 -22.42
CA LEU A 23 8.01 5.45 -22.89
C LEU A 23 8.46 6.55 -21.94
N ILE A 24 8.41 6.30 -20.64
CA ILE A 24 8.78 7.32 -19.66
C ILE A 24 10.29 7.51 -19.61
N ARG A 25 11.03 6.43 -19.33
CA ARG A 25 12.45 6.57 -19.07
C ARG A 25 13.23 6.99 -20.31
N ASP A 26 13.00 6.29 -21.42
CA ASP A 26 13.82 6.46 -22.61
C ASP A 26 13.14 7.18 -23.77
N GLY A 27 11.81 7.31 -23.74
CA GLY A 27 11.12 8.15 -24.69
C GLY A 27 11.03 9.59 -24.23
N ARG A 28 11.29 9.79 -22.94
CA ARG A 28 11.23 11.10 -22.29
C ARG A 28 9.87 11.79 -22.47
N MET A 29 8.79 11.02 -22.54
CA MET A 29 7.46 11.58 -22.42
C MET A 29 7.00 11.39 -20.98
N LYS A 30 5.80 11.89 -20.64
CA LYS A 30 5.32 11.87 -19.26
C LYS A 30 4.12 10.95 -19.11
N GLY A 31 3.99 10.41 -17.88
CA GLY A 31 2.92 9.48 -17.58
C GLY A 31 1.54 10.01 -17.92
N GLN A 32 1.36 11.33 -17.85
CA GLN A 32 0.05 11.92 -18.08
C GLN A 32 -0.46 11.64 -19.49
N ASP A 33 0.45 11.38 -20.43
CA ASP A 33 0.12 11.09 -21.82
C ASP A 33 0.00 9.59 -22.10
N ILE A 34 0.06 8.75 -21.08
CA ILE A 34 -0.02 7.30 -21.25
C ILE A 34 -1.34 6.81 -20.65
N THR A 35 -2.06 6.00 -21.41
CA THR A 35 -3.28 5.36 -20.93
C THR A 35 -3.23 3.88 -21.23
N ILE A 36 -3.57 3.06 -20.25
CA ILE A 36 -3.63 1.61 -20.40
C ILE A 36 -5.10 1.20 -20.50
N LEU A 37 -5.46 0.53 -21.59
CA LEU A 37 -6.83 0.08 -21.80
C LEU A 37 -6.94 -1.38 -21.38
N ASP A 38 -7.57 -1.61 -20.23
CA ASP A 38 -7.77 -2.94 -19.68
C ASP A 38 -9.22 -3.35 -19.84
N ALA A 39 -9.46 -4.67 -19.81
CA ALA A 39 -10.82 -5.19 -19.84
C ALA A 39 -11.21 -5.90 -18.54
N VAL A 40 -10.52 -5.64 -17.44
CA VAL A 40 -10.92 -6.20 -16.16
C VAL A 40 -12.05 -5.37 -15.56
N GLY A 41 -12.83 -6.01 -14.68
CA GLY A 41 -13.88 -5.30 -13.97
C GLY A 41 -13.33 -4.13 -13.19
N THR A 42 -12.74 -4.39 -12.02
CA THR A 42 -12.00 -3.33 -11.34
C THR A 42 -10.81 -3.96 -10.60
N PRO A 43 -10.98 -4.85 -9.59
CA PRO A 43 -9.87 -5.73 -9.23
C PRO A 43 -10.29 -7.19 -9.09
N GLY A 44 -10.59 -7.61 -7.87
CA GLY A 44 -11.06 -8.96 -7.61
C GLY A 44 -12.24 -9.02 -6.66
N GLY A 45 -13.27 -9.75 -7.06
CA GLY A 45 -14.45 -9.92 -6.23
C GLY A 45 -15.21 -11.17 -6.62
N SER A 46 -16.13 -11.04 -7.57
CA SER A 46 -16.76 -12.22 -8.17
C SER A 46 -15.85 -12.83 -9.23
N LEU A 47 -15.37 -11.99 -10.16
CA LEU A 47 -14.25 -12.35 -11.03
C LEU A 47 -12.99 -12.21 -10.19
N ASP A 48 -12.69 -13.27 -9.43
CA ASP A 48 -11.70 -13.19 -8.37
C ASP A 48 -10.35 -12.70 -8.88
N GLY A 49 -9.68 -11.90 -8.06
CA GLY A 49 -8.46 -11.24 -8.50
C GLY A 49 -7.33 -12.22 -8.77
N SER A 50 -6.99 -13.05 -7.79
CA SER A 50 -5.90 -14.01 -7.94
C SER A 50 -5.92 -15.05 -6.83
N GLY A 51 -7.11 -15.43 -6.38
CA GLY A 51 -7.25 -16.44 -5.35
C GLY A 51 -7.54 -15.87 -3.98
N ASN A 52 -8.34 -16.57 -3.18
CA ASN A 52 -8.56 -16.21 -1.79
C ASN A 52 -7.97 -17.31 -0.91
N ALA A 53 -7.49 -16.90 0.27
CA ALA A 53 -6.83 -17.81 1.22
C ALA A 53 -7.78 -18.80 1.87
N GLU A 54 -9.09 -18.60 1.78
CA GLU A 54 -10.04 -19.54 2.36
C GLU A 54 -10.72 -20.43 1.34
N ASP A 55 -10.72 -20.06 0.06
CA ASP A 55 -11.18 -20.99 -0.97
C ASP A 55 -10.14 -22.06 -1.25
N GLY A 56 -8.95 -21.65 -1.71
CA GLY A 56 -7.91 -22.61 -1.95
C GLY A 56 -6.83 -22.13 -2.90
N TYR A 57 -6.91 -20.85 -3.28
CA TYR A 57 -5.96 -20.20 -4.17
C TYR A 57 -6.05 -20.76 -5.59
N LEU A 58 -5.76 -19.93 -6.58
CA LEU A 58 -5.80 -20.35 -7.97
C LEU A 58 -4.71 -19.57 -8.70
N ILE A 59 -3.64 -20.26 -9.06
CA ILE A 59 -2.50 -19.62 -9.71
C ILE A 59 -2.86 -19.28 -11.15
N ARG A 60 -2.77 -17.98 -11.47
CA ARG A 60 -3.00 -17.37 -12.78
C ARG A 60 -3.06 -18.36 -13.94
N GLY A 61 -2.03 -19.19 -14.10
CA GLY A 61 -2.02 -20.14 -15.21
C GLY A 61 -1.46 -19.58 -16.50
N GLY A 62 -0.18 -19.84 -16.78
CA GLY A 62 0.61 -20.82 -16.08
C GLY A 62 2.04 -20.84 -16.60
N ARG A 63 2.91 -21.54 -15.87
CA ARG A 63 4.35 -21.60 -16.13
C ARG A 63 4.97 -20.21 -16.07
N GLU A 64 5.58 -19.88 -14.93
CA GLU A 64 6.24 -18.58 -14.69
C GLU A 64 7.65 -18.84 -14.18
N MET A 65 8.60 -19.03 -15.10
CA MET A 65 9.97 -19.36 -14.74
C MET A 65 10.91 -18.31 -15.36
N ASN A 66 12.04 -18.08 -14.69
CA ASN A 66 12.95 -17.02 -15.06
C ASN A 66 14.41 -17.47 -14.98
N TRP A 67 15.21 -16.95 -15.92
CA TRP A 67 16.66 -17.10 -15.89
C TRP A 67 17.24 -15.70 -15.66
N ASN A 68 18.56 -15.57 -15.77
CA ASN A 68 19.21 -14.28 -15.49
C ASN A 68 19.55 -13.59 -16.80
N TYR A 69 18.53 -13.00 -17.41
CA TYR A 69 18.71 -12.23 -18.63
C TYR A 69 18.89 -10.74 -18.32
N ASP A 70 19.39 -10.01 -19.31
CA ASP A 70 19.73 -8.60 -19.17
C ASP A 70 18.51 -7.69 -19.18
N HIS A 71 17.44 -8.07 -19.89
CA HIS A 71 16.23 -7.25 -19.92
C HIS A 71 15.69 -7.02 -18.50
N PHE A 72 15.62 -8.07 -17.70
CA PHE A 72 15.13 -7.92 -16.33
C PHE A 72 15.99 -6.93 -15.53
N TRP A 73 17.32 -7.09 -15.60
CA TRP A 73 18.22 -6.21 -14.87
C TRP A 73 18.03 -4.76 -15.32
N ASP A 74 17.99 -4.53 -16.63
CA ASP A 74 17.85 -3.17 -17.16
C ASP A 74 16.53 -2.54 -16.73
N LEU A 75 15.47 -3.34 -16.62
CA LEU A 75 14.15 -2.81 -16.30
C LEU A 75 13.97 -2.56 -14.81
N PHE A 76 14.01 -3.63 -14.01
CA PHE A 76 13.66 -3.57 -12.60
C PHE A 76 14.76 -2.97 -11.74
N GLN A 77 15.79 -2.39 -12.35
CA GLN A 77 16.79 -1.64 -11.61
C GLN A 77 16.24 -0.30 -11.11
N ASP A 78 15.15 0.19 -11.71
CA ASP A 78 14.60 1.50 -11.43
C ASP A 78 13.24 1.47 -10.77
N ILE A 79 12.79 0.31 -10.30
CA ILE A 79 11.48 0.16 -9.66
C ILE A 79 11.69 0.07 -8.17
N PRO A 80 11.10 0.96 -7.36
CA PRO A 80 11.23 0.85 -5.90
C PRO A 80 10.76 -0.51 -5.39
N ALA A 81 11.51 -1.04 -4.42
CA ALA A 81 11.31 -2.38 -3.92
C ALA A 81 9.90 -2.58 -3.35
N LEU A 82 9.58 -3.85 -3.09
CA LEU A 82 8.26 -4.21 -2.56
C LEU A 82 8.18 -3.98 -1.06
N GLU A 83 9.17 -4.47 -0.30
CA GLU A 83 9.13 -4.42 1.15
C GLU A 83 10.34 -3.74 1.78
N TYR A 84 11.18 -3.10 0.97
CA TYR A 84 12.40 -2.44 1.43
C TYR A 84 12.31 -0.93 1.22
N PRO A 85 13.07 -0.14 1.96
CA PRO A 85 13.00 1.32 1.82
C PRO A 85 13.86 1.81 0.66
N SER A 86 13.68 3.09 0.35
CA SER A 86 14.46 3.72 -0.71
C SER A 86 15.94 3.76 -0.32
N PRO A 87 16.85 3.75 -1.31
CA PRO A 87 16.57 3.55 -2.74
C PRO A 87 16.77 2.12 -3.18
N TYR A 88 16.24 1.17 -2.41
CA TYR A 88 16.39 -0.24 -2.74
C TYR A 88 15.36 -0.59 -3.81
N SER A 89 15.81 -1.29 -4.85
CA SER A 89 14.93 -1.61 -5.96
C SER A 89 14.38 -3.03 -5.81
N VAL A 90 13.48 -3.40 -6.72
CA VAL A 90 12.99 -4.78 -6.76
C VAL A 90 14.10 -5.71 -7.24
N LEU A 91 15.00 -5.22 -8.09
CA LEU A 91 16.17 -6.00 -8.46
C LEU A 91 16.98 -6.39 -7.23
N ASP A 92 17.10 -5.47 -6.27
CA ASP A 92 17.87 -5.76 -5.06
C ASP A 92 17.16 -6.79 -4.20
N GLU A 93 15.82 -6.72 -4.12
CA GLU A 93 15.06 -7.79 -3.48
C GLU A 93 15.27 -9.11 -4.20
N TYR A 94 15.22 -9.07 -5.54
CA TYR A 94 15.36 -10.28 -6.34
C TYR A 94 16.68 -10.98 -6.08
N ARG A 95 17.78 -10.22 -6.08
CA ARG A 95 19.09 -10.82 -5.90
C ARG A 95 19.45 -11.04 -4.44
N ALA A 96 18.76 -10.38 -3.50
CA ALA A 96 18.99 -10.67 -2.09
C ALA A 96 18.43 -12.02 -1.70
N VAL A 97 17.14 -12.25 -1.98
CA VAL A 97 16.49 -13.49 -1.60
C VAL A 97 16.96 -14.68 -2.43
N ASN A 98 17.63 -14.45 -3.56
CA ASN A 98 18.06 -15.54 -4.42
C ASN A 98 19.56 -15.79 -4.44
N ASP A 99 20.41 -14.77 -4.28
CA ASP A 99 21.85 -15.04 -4.22
C ASP A 99 22.25 -15.71 -2.92
N ASN A 100 21.37 -15.72 -1.92
CA ASN A 100 21.63 -16.45 -0.68
C ASN A 100 21.23 -17.91 -0.84
N ASP A 101 20.00 -18.15 -1.30
CA ASP A 101 19.45 -19.49 -1.48
C ASP A 101 19.32 -19.77 -2.97
N PRO A 102 20.35 -20.29 -3.62
CA PRO A 102 20.25 -20.56 -5.06
C PRO A 102 19.29 -21.72 -5.35
N ASN A 103 18.74 -21.71 -6.55
CA ASN A 103 17.75 -22.70 -6.95
C ASN A 103 18.43 -23.87 -7.65
N TRP A 104 18.12 -25.09 -7.19
CA TRP A 104 18.56 -26.32 -7.83
C TRP A 104 17.68 -27.45 -7.31
N SER A 105 17.60 -28.53 -8.10
CA SER A 105 16.62 -29.58 -7.88
C SER A 105 17.26 -30.87 -7.38
N LYS A 106 16.50 -31.61 -6.58
CA LYS A 106 16.92 -32.89 -6.01
C LYS A 106 16.13 -34.07 -6.54
N SER A 107 14.88 -33.87 -6.93
CA SER A 107 14.00 -34.93 -7.42
C SER A 107 13.30 -34.49 -8.70
N ARG A 108 14.09 -34.03 -9.67
CA ARG A 108 13.51 -33.40 -10.85
C ARG A 108 12.66 -34.37 -11.66
N LEU A 109 13.18 -35.58 -11.87
CA LEU A 109 12.44 -36.62 -12.57
C LEU A 109 12.18 -37.78 -11.62
N MET A 110 10.94 -38.28 -11.64
CA MET A 110 10.52 -39.36 -10.77
C MET A 110 9.71 -40.38 -11.57
N HIS A 111 9.70 -41.61 -11.09
CA HIS A 111 8.94 -42.68 -11.72
C HIS A 111 8.84 -43.83 -10.73
N LYS A 112 8.28 -44.95 -11.20
CA LYS A 112 8.05 -46.13 -10.37
C LYS A 112 7.38 -45.78 -9.05
N GLN A 113 6.46 -44.82 -9.10
CA GLN A 113 5.61 -44.46 -7.96
C GLN A 113 6.41 -44.20 -6.69
N GLY A 114 7.41 -43.32 -6.80
CA GLY A 114 8.08 -42.84 -5.61
C GLY A 114 9.58 -42.69 -5.66
N GLN A 115 10.25 -43.21 -6.69
CA GLN A 115 11.70 -43.09 -6.75
C GLN A 115 12.10 -42.11 -7.84
N ILE A 116 13.33 -41.62 -7.74
CA ILE A 116 13.85 -40.59 -8.63
C ILE A 116 14.49 -41.26 -9.84
N ARG A 117 14.17 -40.77 -11.03
CA ARG A 117 14.86 -41.20 -12.23
C ARG A 117 16.12 -40.37 -12.40
N ASP A 118 17.26 -41.05 -12.60
CA ASP A 118 18.54 -40.37 -12.69
C ASP A 118 18.50 -39.30 -13.77
N PHE A 119 18.78 -38.06 -13.38
CA PHE A 119 18.75 -36.91 -14.27
C PHE A 119 20.08 -36.18 -14.33
N SER A 120 21.16 -36.82 -13.87
CA SER A 120 22.49 -36.23 -13.99
C SER A 120 22.78 -35.76 -15.42
N THR A 121 22.46 -36.60 -16.40
CA THR A 121 22.79 -36.33 -17.80
C THR A 121 21.51 -36.21 -18.63
N LEU A 122 21.66 -35.63 -19.81
CA LEU A 122 20.57 -35.52 -20.76
C LEU A 122 20.17 -36.86 -21.39
N GLY A 123 20.98 -37.90 -21.24
CA GLY A 123 20.60 -39.22 -21.73
C GLY A 123 20.56 -39.40 -23.23
N LEU A 124 21.36 -38.65 -23.98
CA LEU A 124 21.40 -38.76 -25.43
C LEU A 124 22.41 -39.84 -25.83
N SER A 125 22.05 -40.61 -26.86
CA SER A 125 22.89 -41.70 -27.32
C SER A 125 24.03 -41.18 -28.20
N SER A 126 23.76 -41.07 -29.50
CA SER A 126 24.75 -40.56 -30.44
C SER A 126 24.01 -40.04 -31.67
N ALA A 127 23.00 -40.80 -32.11
CA ALA A 127 22.13 -40.30 -33.16
C ALA A 127 21.28 -39.16 -32.64
N HIS A 128 20.96 -39.18 -31.34
CA HIS A 128 20.21 -38.08 -30.72
C HIS A 128 21.04 -36.80 -30.72
N GLN A 129 22.30 -36.89 -30.27
CA GLN A 129 23.20 -35.74 -30.35
C GLN A 129 23.29 -35.21 -31.78
N TRP A 130 23.51 -36.12 -32.74
CA TRP A 130 23.56 -35.72 -34.15
C TRP A 130 22.26 -35.03 -34.59
N GLU A 131 21.12 -35.48 -34.07
CA GLU A 131 19.84 -34.88 -34.46
C GLU A 131 19.76 -33.41 -34.07
N LEU A 132 20.16 -33.09 -32.83
CA LEU A 132 20.12 -31.69 -32.38
C LEU A 132 21.15 -30.86 -33.11
N ILE A 133 22.34 -31.42 -33.36
CA ILE A 133 23.34 -30.71 -34.15
C ILE A 133 22.84 -30.48 -35.57
N LYS A 134 22.26 -31.52 -36.19
CA LYS A 134 21.62 -31.33 -37.49
C LYS A 134 20.50 -30.31 -37.41
N LEU A 135 19.75 -30.31 -36.29
CA LEU A 135 18.72 -29.30 -36.09
C LEU A 135 19.32 -27.90 -36.05
N LEU A 136 20.42 -27.73 -35.32
CA LEU A 136 21.08 -26.43 -35.23
C LEU A 136 21.57 -25.92 -36.57
N LEU A 137 21.82 -26.81 -37.53
CA LEU A 137 22.37 -26.40 -38.82
C LEU A 137 21.31 -26.10 -39.86
N LYS A 138 20.05 -26.47 -39.62
CA LYS A 138 19.02 -26.22 -40.62
C LYS A 138 18.68 -24.74 -40.70
N ARG A 139 18.24 -24.32 -41.88
CA ARG A 139 17.79 -22.95 -42.08
C ARG A 139 16.36 -22.80 -41.56
N LYS A 140 16.07 -21.61 -41.03
CA LYS A 140 14.72 -21.34 -40.52
C LYS A 140 13.70 -21.32 -41.65
N GLU A 141 14.14 -21.00 -42.87
CA GLU A 141 13.23 -20.99 -44.01
C GLU A 141 12.77 -22.39 -44.41
N ASP A 142 13.47 -23.44 -43.96
CA ASP A 142 13.18 -24.80 -44.38
C ASP A 142 12.45 -25.62 -43.31
N LEU A 143 11.91 -24.98 -42.27
CA LEU A 143 11.26 -25.70 -41.18
C LEU A 143 9.84 -25.19 -40.96
N ASP A 144 9.11 -24.92 -42.03
CA ASP A 144 7.73 -24.45 -41.88
C ASP A 144 6.81 -25.59 -41.46
N ASP A 145 6.04 -25.35 -40.41
CA ASP A 145 5.00 -26.26 -39.94
C ASP A 145 5.50 -27.63 -39.47
N ILE A 146 6.82 -27.85 -39.54
CA ILE A 146 7.37 -29.11 -39.06
C ILE A 146 7.22 -29.18 -37.54
N THR A 147 6.77 -30.32 -37.04
CA THR A 147 6.48 -30.48 -35.63
C THR A 147 7.59 -31.28 -34.95
N ILE A 148 7.47 -31.40 -33.62
CA ILE A 148 8.49 -32.08 -32.83
C ILE A 148 8.61 -33.53 -33.26
N GLU A 149 7.51 -34.28 -33.18
CA GLU A 149 7.56 -35.71 -33.44
C GLU A 149 7.83 -36.02 -34.91
N GLN A 150 7.46 -35.11 -35.82
CA GLN A 150 7.81 -35.29 -37.23
C GLN A 150 9.32 -35.32 -37.41
N TYR A 151 10.03 -34.32 -36.88
CA TYR A 151 11.46 -34.23 -37.11
C TYR A 151 12.25 -35.22 -36.26
N PHE A 152 11.86 -35.42 -35.01
CA PHE A 152 12.68 -36.20 -34.09
C PHE A 152 12.32 -37.67 -34.17
N SER A 153 13.29 -38.51 -33.80
CA SER A 153 13.08 -39.94 -33.77
C SER A 153 12.17 -40.32 -32.61
N ASP A 154 11.64 -41.53 -32.66
CA ASP A 154 10.75 -42.00 -31.60
C ASP A 154 11.51 -42.19 -30.30
N SER A 155 12.73 -42.75 -30.38
CA SER A 155 13.53 -42.95 -29.17
C SER A 155 13.99 -41.63 -28.56
N PHE A 156 14.11 -40.58 -29.36
CA PHE A 156 14.53 -39.28 -28.84
C PHE A 156 13.52 -38.74 -27.83
N LEU A 157 12.23 -38.93 -28.09
CA LEU A 157 11.17 -38.41 -27.24
C LEU A 157 11.07 -39.14 -25.89
N GLU A 158 11.88 -40.17 -25.66
CA GLU A 158 11.95 -40.83 -24.37
C GLU A 158 13.23 -40.52 -23.61
N THR A 159 14.11 -39.69 -24.18
CA THR A 159 15.33 -39.32 -23.49
C THR A 159 15.03 -38.44 -22.28
N ASN A 160 15.96 -38.43 -21.32
CA ASN A 160 15.93 -37.45 -20.25
C ASN A 160 15.74 -36.04 -20.80
N PHE A 161 16.42 -35.73 -21.91
CA PHE A 161 16.33 -34.40 -22.50
C PHE A 161 14.89 -33.99 -22.78
N TRP A 162 14.14 -34.85 -23.47
CA TRP A 162 12.81 -34.43 -23.88
C TRP A 162 11.84 -34.39 -22.70
N TYR A 163 12.00 -35.30 -21.73
CA TYR A 163 11.17 -35.24 -20.54
C TYR A 163 11.43 -33.95 -19.77
N LEU A 164 12.68 -33.50 -19.73
CA LEU A 164 13.00 -32.24 -19.06
C LEU A 164 12.50 -31.05 -19.86
N TRP A 165 12.76 -31.03 -21.17
CA TRP A 165 12.42 -29.88 -21.99
C TRP A 165 10.90 -29.68 -22.07
N ARG A 166 10.16 -30.76 -22.33
CA ARG A 166 8.72 -30.64 -22.48
C ARG A 166 8.06 -30.26 -21.16
N SER A 167 8.63 -30.68 -20.04
CA SER A 167 8.05 -30.34 -18.74
C SER A 167 8.35 -28.89 -18.38
N MET A 168 9.56 -28.42 -18.68
CA MET A 168 9.97 -27.07 -18.31
C MET A 168 9.12 -26.02 -19.00
N PHE A 169 8.82 -26.23 -20.28
CA PHE A 169 8.13 -25.24 -21.08
C PHE A 169 6.68 -25.61 -21.38
N ALA A 170 6.18 -26.73 -20.87
CA ALA A 170 4.84 -27.22 -21.16
C ALA A 170 4.60 -27.22 -22.67
N PHE A 171 5.27 -28.17 -23.32
CA PHE A 171 5.39 -28.19 -24.77
C PHE A 171 4.95 -29.55 -25.29
N GLN A 172 4.03 -29.52 -26.25
CA GLN A 172 3.43 -30.73 -26.78
C GLN A 172 4.26 -31.27 -27.94
N ASN A 173 4.22 -32.60 -28.12
CA ASN A 173 4.98 -33.25 -29.18
C ASN A 173 4.47 -32.90 -30.58
N TRP A 174 3.33 -32.23 -30.70
CA TRP A 174 2.78 -31.84 -31.99
C TRP A 174 2.95 -30.36 -32.28
N GLN A 175 3.82 -29.68 -31.54
CA GLN A 175 3.96 -28.23 -31.65
C GLN A 175 5.29 -27.88 -32.33
N SER A 176 5.56 -26.57 -32.40
CA SER A 176 6.56 -26.04 -33.32
C SER A 176 7.96 -26.54 -33.01
N LEU A 177 8.64 -27.01 -34.05
CA LEU A 177 10.06 -27.36 -33.95
C LEU A 177 10.94 -26.12 -33.83
N LEU A 178 10.51 -25.00 -34.43
CA LEU A 178 11.28 -23.78 -34.41
C LEU A 178 11.63 -23.32 -32.99
N GLU A 179 10.76 -23.59 -32.02
CA GLU A 179 11.03 -23.14 -30.66
C GLU A 179 12.12 -23.97 -29.99
N VAL A 180 12.17 -25.27 -30.27
CA VAL A 180 13.27 -26.09 -29.77
C VAL A 180 14.58 -25.67 -30.40
N LYS A 181 14.57 -25.37 -31.71
CA LYS A 181 15.76 -24.89 -32.38
C LYS A 181 16.22 -23.56 -31.79
N LEU A 182 15.29 -22.60 -31.66
CA LEU A 182 15.63 -21.30 -31.07
C LEU A 182 16.21 -21.45 -29.67
N TYR A 183 15.71 -22.42 -28.89
CA TYR A 183 16.29 -22.66 -27.58
C TYR A 183 17.74 -23.11 -27.68
N MET A 184 18.03 -24.01 -28.62
CA MET A 184 19.39 -24.50 -28.79
C MET A 184 20.35 -23.35 -29.13
N HIS A 185 19.99 -22.56 -30.15
CA HIS A 185 20.85 -21.43 -30.55
C HIS A 185 21.14 -20.46 -29.42
N ARG A 186 20.32 -20.43 -28.36
CA ARG A 186 20.44 -19.39 -27.35
C ARG A 186 20.93 -19.90 -26.00
N PHE A 187 20.87 -21.20 -25.73
CA PHE A 187 21.22 -21.70 -24.41
C PHE A 187 22.23 -22.84 -24.48
N LEU A 188 23.05 -22.88 -25.53
CA LEU A 188 24.09 -23.90 -25.63
C LEU A 188 25.02 -23.86 -24.42
N ASP A 189 25.46 -22.66 -24.02
CA ASP A 189 26.25 -22.50 -22.80
C ASP A 189 25.60 -23.17 -21.59
N ALA A 190 24.28 -23.13 -21.50
CA ALA A 190 23.58 -23.46 -20.26
C ALA A 190 22.68 -24.69 -20.42
N ILE A 191 22.91 -25.50 -21.46
CA ILE A 191 22.07 -26.66 -21.68
C ILE A 191 22.25 -27.69 -20.58
N ASP A 192 23.38 -27.67 -19.88
CA ASP A 192 23.54 -28.50 -18.69
C ASP A 192 22.52 -28.14 -17.62
N GLY A 193 22.14 -26.86 -17.53
CA GLY A 193 21.21 -26.41 -16.51
C GLY A 193 19.82 -26.99 -16.61
N LEU A 194 19.44 -27.56 -17.76
CA LEU A 194 18.15 -28.25 -17.86
C LEU A 194 17.99 -29.36 -16.84
N THR A 195 19.09 -29.86 -16.29
CA THR A 195 19.05 -31.02 -15.41
C THR A 195 18.97 -30.64 -13.94
N ASP A 196 19.76 -29.66 -13.51
CA ASP A 196 19.83 -29.27 -12.11
C ASP A 196 19.05 -28.00 -11.79
N MET A 197 18.48 -27.33 -12.80
CA MET A 197 17.74 -26.07 -12.61
C MET A 197 18.63 -24.96 -12.07
N SER A 198 19.92 -24.99 -12.41
CA SER A 198 20.83 -23.95 -11.93
C SER A 198 20.48 -22.59 -12.50
N ALA A 199 20.28 -22.50 -13.81
CA ALA A 199 20.07 -21.21 -14.46
C ALA A 199 18.74 -20.58 -14.11
N LEU A 200 17.85 -21.28 -13.42
CA LEU A 200 16.57 -20.71 -13.04
C LEU A 200 16.71 -19.93 -11.74
N VAL A 201 15.99 -18.81 -11.67
CA VAL A 201 16.04 -17.90 -10.51
C VAL A 201 14.63 -17.36 -10.28
N PHE A 202 14.16 -17.44 -9.02
CA PHE A 202 12.78 -17.11 -8.71
C PHE A 202 12.66 -15.89 -7.80
N PRO A 203 11.54 -15.18 -7.86
CA PRO A 203 11.27 -14.12 -6.87
C PRO A 203 10.85 -14.70 -5.52
N LYS A 204 10.74 -13.79 -4.56
CA LYS A 204 10.24 -14.15 -3.22
C LYS A 204 8.83 -14.71 -3.30
N TYR A 205 7.91 -13.99 -3.95
CA TYR A 205 6.52 -14.40 -4.06
C TYR A 205 6.20 -14.93 -5.45
N ASN A 206 5.23 -14.30 -6.11
CA ASN A 206 4.91 -14.55 -7.49
C ASN A 206 5.70 -13.61 -8.40
N GLN A 207 5.43 -13.71 -9.69
CA GLN A 207 5.86 -12.67 -10.60
C GLN A 207 4.96 -11.45 -10.44
N TYR A 208 3.68 -11.70 -10.13
CA TYR A 208 2.72 -10.63 -9.94
C TYR A 208 3.03 -9.83 -8.68
N ASP A 209 3.15 -10.51 -7.53
CA ASP A 209 3.30 -9.80 -6.26
C ASP A 209 4.70 -9.23 -6.10
N SER A 210 5.71 -9.87 -6.69
CA SER A 210 7.09 -9.41 -6.50
C SER A 210 7.59 -8.50 -7.61
N PHE A 211 7.09 -8.63 -8.85
CA PHE A 211 7.59 -7.84 -9.96
C PHE A 211 6.57 -6.82 -10.45
N VAL A 212 5.37 -7.25 -10.84
CA VAL A 212 4.45 -6.33 -11.51
C VAL A 212 3.85 -5.36 -10.50
N VAL A 213 3.61 -5.80 -9.27
CA VAL A 213 2.98 -4.95 -8.26
C VAL A 213 3.89 -3.77 -7.91
N PRO A 214 5.21 -3.96 -7.78
CA PRO A 214 6.08 -2.77 -7.69
C PRO A 214 6.10 -1.95 -8.97
N LEU A 215 5.94 -2.59 -10.14
CA LEU A 215 5.96 -1.83 -11.40
C LEU A 215 4.70 -1.00 -11.60
N VAL A 216 3.54 -1.50 -11.17
CA VAL A 216 2.31 -0.71 -11.29
C VAL A 216 2.34 0.47 -10.33
N ASN A 217 2.62 0.21 -9.05
CA ASN A 217 2.84 1.30 -8.09
C ASN A 217 3.77 2.38 -8.66
N TYR A 218 4.88 1.96 -9.26
CA TYR A 218 5.80 2.93 -9.84
C TYR A 218 5.12 3.75 -10.93
N LEU A 219 4.33 3.11 -11.79
CA LEU A 219 3.68 3.81 -12.88
C LEU A 219 2.61 4.77 -12.36
N LYS A 220 1.86 4.37 -11.32
CA LYS A 220 0.90 5.29 -10.75
C LYS A 220 1.58 6.49 -10.11
N GLY A 221 2.72 6.25 -9.44
CA GLY A 221 3.51 7.37 -8.98
C GLY A 221 4.16 8.18 -10.08
N GLN A 222 3.93 7.81 -11.34
CA GLN A 222 4.34 8.60 -12.48
C GLN A 222 3.19 9.22 -13.25
N GLY A 223 1.94 8.86 -12.93
CA GLY A 223 0.79 9.52 -13.49
C GLY A 223 0.12 8.87 -14.69
N VAL A 224 0.36 7.58 -14.93
CA VAL A 224 -0.21 6.91 -16.10
C VAL A 224 -1.69 6.63 -15.88
N ASN A 225 -2.47 6.76 -16.95
CA ASN A 225 -3.93 6.62 -16.90
C ASN A 225 -4.35 5.18 -17.18
N VAL A 226 -5.34 4.70 -16.42
CA VAL A 226 -5.92 3.37 -16.59
C VAL A 226 -7.40 3.48 -16.93
N GLU A 227 -7.88 2.60 -17.82
CA GLU A 227 -9.27 2.57 -18.28
C GLU A 227 -9.75 1.12 -18.29
N PHE A 228 -10.29 0.66 -17.16
CA PHE A 228 -10.81 -0.69 -17.07
C PHE A 228 -12.03 -0.88 -17.97
N GLY A 229 -12.55 -2.10 -17.98
CA GLY A 229 -13.76 -2.45 -18.71
C GLY A 229 -13.75 -2.14 -20.20
N THR A 230 -12.56 -2.00 -20.77
CA THR A 230 -12.40 -1.60 -22.17
C THR A 230 -11.76 -2.73 -22.95
N ARG A 231 -12.56 -3.46 -23.72
CA ARG A 231 -12.06 -4.54 -24.58
C ARG A 231 -12.00 -4.00 -26.01
N VAL A 232 -10.79 -3.86 -26.54
CA VAL A 232 -10.60 -3.37 -27.91
C VAL A 232 -10.84 -4.50 -28.89
N TYR A 233 -11.60 -4.23 -29.94
CA TYR A 233 -11.90 -5.24 -30.95
C TYR A 233 -11.40 -4.91 -32.35
N ASP A 234 -10.98 -3.68 -32.62
CA ASP A 234 -10.50 -3.35 -33.96
C ASP A 234 -9.85 -1.97 -33.93
N LEU A 235 -9.05 -1.70 -34.96
CA LEU A 235 -8.45 -0.40 -35.23
C LEU A 235 -8.77 -0.03 -36.66
N ASP A 236 -9.25 1.19 -36.89
CA ASP A 236 -9.45 1.68 -38.24
C ASP A 236 -8.20 2.44 -38.68
N MET A 237 -7.67 2.06 -39.84
CA MET A 237 -6.34 2.51 -40.26
C MET A 237 -6.39 2.93 -41.72
N THR A 238 -5.61 3.96 -42.05
CA THR A 238 -5.41 4.38 -43.42
C THR A 238 -4.17 3.68 -43.99
N ASP A 239 -4.19 3.44 -45.30
CA ASP A 239 -3.12 2.71 -45.97
C ASP A 239 -2.86 3.43 -47.29
N ASN A 240 -2.11 4.53 -47.20
CA ASN A 240 -1.67 5.33 -48.33
C ASN A 240 -0.16 5.20 -48.47
N ASN A 241 0.29 4.98 -49.70
CA ASN A 241 1.71 4.87 -50.07
C ASN A 241 2.33 3.58 -49.57
N GLY A 242 1.51 2.56 -49.35
CA GLY A 242 1.97 1.32 -48.76
C GLY A 242 2.41 1.46 -47.33
N GLU A 243 2.10 2.59 -46.67
CA GLU A 243 2.50 2.86 -45.29
C GLU A 243 1.26 3.25 -44.48
N ARG A 244 1.03 2.55 -43.38
CA ARG A 244 -0.22 2.61 -42.64
C ARG A 244 -0.07 3.31 -41.29
N THR A 245 -1.14 4.02 -40.89
CA THR A 245 -1.23 4.70 -39.60
C THR A 245 -2.57 4.38 -38.94
N VAL A 246 -2.57 4.22 -37.62
CA VAL A 246 -3.79 3.97 -36.85
C VAL A 246 -4.55 5.27 -36.66
N THR A 247 -5.85 5.25 -36.98
CA THR A 247 -6.70 6.42 -36.84
C THR A 247 -7.58 6.39 -35.59
N SER A 248 -8.16 5.24 -35.26
CA SER A 248 -9.06 5.18 -34.11
C SER A 248 -9.00 3.81 -33.45
N ILE A 249 -9.27 3.79 -32.15
CA ILE A 249 -9.43 2.55 -31.39
C ILE A 249 -10.93 2.28 -31.22
N LEU A 250 -11.41 1.22 -31.85
CA LEU A 250 -12.81 0.81 -31.72
C LEU A 250 -12.89 -0.16 -30.54
N ALA A 251 -13.38 0.34 -29.40
CA ALA A 251 -13.53 -0.46 -28.19
C ALA A 251 -14.99 -0.54 -27.79
N LYS A 252 -15.30 -1.54 -26.96
CA LYS A 252 -16.58 -1.65 -26.28
C LYS A 252 -16.33 -1.48 -24.79
N VAL A 253 -16.79 -0.36 -24.24
CA VAL A 253 -16.62 -0.05 -22.82
C VAL A 253 -17.94 -0.27 -22.11
N ASP A 254 -17.92 -1.15 -21.10
CA ASP A 254 -19.10 -1.47 -20.30
C ASP A 254 -20.31 -1.81 -21.17
N GLY A 255 -20.06 -2.54 -22.25
CA GLY A 255 -21.15 -3.01 -23.09
C GLY A 255 -21.67 -2.03 -24.11
N ARG A 256 -20.95 -0.93 -24.36
CA ARG A 256 -21.38 0.07 -25.32
C ARG A 256 -20.20 0.50 -26.18
N ASP A 257 -20.46 0.65 -27.48
CA ASP A 257 -19.41 1.04 -28.40
C ASP A 257 -18.83 2.40 -28.03
N GLN A 258 -17.51 2.50 -28.08
CA GLN A 258 -16.82 3.77 -27.97
C GLN A 258 -15.91 3.93 -29.18
N LYS A 259 -15.32 5.11 -29.30
CA LYS A 259 -14.41 5.39 -30.41
C LYS A 259 -13.40 6.41 -29.93
N ILE A 260 -12.13 6.04 -29.90
CA ILE A 260 -11.07 6.87 -29.35
C ILE A 260 -10.21 7.36 -30.50
N ASP A 261 -10.09 8.67 -30.63
CA ASP A 261 -9.41 9.27 -31.76
C ASP A 261 -7.91 9.30 -31.51
N ILE A 262 -7.13 8.99 -32.55
CA ILE A 262 -5.67 8.94 -32.46
C ILE A 262 -5.07 9.88 -33.50
N GLY A 263 -4.27 10.84 -33.02
CA GLY A 263 -3.64 11.78 -33.91
C GLY A 263 -2.41 11.18 -34.56
N ALA A 264 -1.89 11.89 -35.57
CA ALA A 264 -0.73 11.41 -36.32
C ALA A 264 0.49 11.23 -35.43
N LYS A 265 0.65 12.09 -34.42
CA LYS A 265 1.82 11.97 -33.56
C LYS A 265 1.72 10.84 -32.56
N ASP A 266 0.52 10.38 -32.22
CA ASP A 266 0.37 9.39 -31.15
C ASP A 266 0.87 8.01 -31.59
N VAL A 267 0.99 7.12 -30.61
CA VAL A 267 1.48 5.75 -30.82
C VAL A 267 0.63 4.78 -30.01
N VAL A 268 0.48 3.57 -30.55
CA VAL A 268 -0.45 2.58 -30.01
C VAL A 268 0.26 1.24 -29.83
N PHE A 269 0.11 0.65 -28.65
CA PHE A 269 0.66 -0.68 -28.34
C PHE A 269 -0.47 -1.64 -28.00
N ALA A 270 -0.48 -2.81 -28.64
CA ALA A 270 -1.56 -3.77 -28.49
C ALA A 270 -1.00 -5.18 -28.29
N LEU A 271 -1.36 -5.80 -27.16
CA LEU A 271 -1.19 -7.25 -26.98
C LEU A 271 -2.24 -7.98 -27.83
N THR A 272 -1.79 -8.87 -28.72
CA THR A 272 -2.66 -9.38 -29.78
C THR A 272 -3.52 -10.56 -29.31
N GLY A 273 -2.89 -11.65 -28.89
CA GLY A 273 -3.60 -12.88 -28.61
C GLY A 273 -3.99 -13.06 -27.15
N SER A 274 -4.64 -14.19 -26.89
CA SER A 274 -5.00 -14.60 -25.54
C SER A 274 -4.52 -16.03 -25.29
N MET A 275 -4.20 -16.31 -24.02
CA MET A 275 -3.83 -17.65 -23.60
C MET A 275 -4.70 -18.21 -22.48
N THR A 276 -5.63 -17.42 -21.95
CA THR A 276 -6.53 -17.81 -20.86
C THR A 276 -8.00 -17.65 -21.21
N GLU A 277 -8.34 -17.68 -22.50
CA GLU A 277 -9.68 -17.32 -22.98
C GLU A 277 -10.81 -18.16 -22.40
N GLY A 278 -10.98 -19.39 -22.86
CA GLY A 278 -12.09 -20.23 -22.42
C GLY A 278 -11.79 -21.13 -21.24
N THR A 279 -11.10 -20.61 -20.23
CA THR A 279 -10.72 -21.41 -19.08
C THR A 279 -11.92 -21.73 -18.19
N ALA A 280 -12.13 -23.01 -17.92
CA ALA A 280 -13.14 -23.49 -16.98
C ALA A 280 -12.48 -23.73 -15.63
N TYR A 281 -13.07 -23.17 -14.58
CA TYR A 281 -12.46 -23.14 -13.25
C TYR A 281 -13.07 -24.14 -12.27
N GLY A 282 -13.10 -25.43 -12.59
CA GLY A 282 -13.64 -26.42 -11.69
C GLY A 282 -12.74 -26.60 -10.48
N ASP A 283 -13.15 -27.51 -9.59
CA ASP A 283 -12.32 -27.82 -8.44
C ASP A 283 -12.61 -29.20 -7.87
N LEU A 284 -12.60 -29.31 -6.53
CA LEU A 284 -12.44 -30.59 -5.85
C LEU A 284 -13.54 -31.59 -6.21
N ASP A 285 -14.79 -31.12 -6.36
CA ASP A 285 -15.92 -32.04 -6.49
C ASP A 285 -16.89 -31.76 -7.64
N THR A 286 -16.61 -30.81 -8.54
CA THR A 286 -17.63 -30.42 -9.51
C THR A 286 -17.26 -30.68 -10.96
N ALA A 287 -16.16 -30.06 -11.49
CA ALA A 287 -15.52 -30.24 -12.81
C ALA A 287 -15.50 -29.02 -13.73
N PRO A 288 -14.63 -29.03 -14.73
CA PRO A 288 -14.66 -28.01 -15.78
C PRO A 288 -15.62 -28.45 -16.87
N ASP A 289 -15.96 -27.49 -17.76
CA ASP A 289 -17.02 -27.79 -18.71
C ASP A 289 -16.80 -27.28 -20.14
N LEU A 290 -16.27 -26.06 -20.28
CA LEU A 290 -16.13 -25.38 -21.58
C LEU A 290 -17.52 -25.05 -22.16
N SER A 300 -16.92 -11.26 -30.14
CA SER A 300 -15.93 -10.22 -29.92
C SER A 300 -15.08 -10.57 -28.71
N SER A 301 -14.07 -11.40 -28.94
CA SER A 301 -13.20 -11.98 -27.92
C SER A 301 -11.83 -11.30 -27.96
N ASP A 302 -10.93 -11.78 -27.11
CA ASP A 302 -9.57 -11.25 -27.09
C ASP A 302 -8.84 -11.47 -28.41
N TRP A 303 -9.26 -12.46 -29.21
CA TRP A 303 -8.67 -12.65 -30.53
C TRP A 303 -9.26 -11.71 -31.58
N ALA A 304 -10.35 -11.00 -31.26
CA ALA A 304 -11.01 -10.14 -32.23
C ALA A 304 -10.06 -9.11 -32.82
N LEU A 305 -9.28 -8.44 -31.96
CA LEU A 305 -8.40 -7.37 -32.43
C LEU A 305 -7.42 -7.89 -33.49
N TRP A 306 -6.81 -9.05 -33.24
CA TRP A 306 -5.89 -9.61 -34.22
C TRP A 306 -6.62 -10.09 -35.46
N GLN A 307 -7.77 -10.73 -35.30
CA GLN A 307 -8.53 -11.26 -36.44
C GLN A 307 -8.92 -10.15 -37.41
N ASN A 308 -9.43 -9.04 -36.88
CA ASN A 308 -9.77 -7.90 -37.74
C ASN A 308 -8.51 -7.33 -38.39
N LEU A 309 -7.41 -7.29 -37.66
CA LEU A 309 -6.15 -6.84 -38.23
C LEU A 309 -5.70 -7.76 -39.37
N ALA A 310 -5.89 -9.07 -39.20
CA ALA A 310 -5.51 -10.03 -40.24
C ALA A 310 -6.27 -9.80 -41.54
N LYS A 311 -7.53 -9.34 -41.44
CA LYS A 311 -8.29 -9.03 -42.65
C LYS A 311 -7.64 -7.89 -43.43
N LYS A 312 -7.09 -6.90 -42.73
CA LYS A 312 -6.58 -5.71 -43.38
C LYS A 312 -5.38 -5.99 -44.27
N SER A 313 -4.48 -6.88 -43.83
CA SER A 313 -3.29 -7.14 -44.63
C SER A 313 -2.65 -8.44 -44.18
N HIS A 314 -1.80 -8.98 -45.07
CA HIS A 314 -1.02 -10.18 -44.78
C HIS A 314 0.12 -9.91 -43.81
N VAL A 315 0.55 -8.66 -43.68
CA VAL A 315 1.64 -8.32 -42.79
C VAL A 315 1.27 -8.52 -41.33
N PHE A 316 0.01 -8.85 -41.05
CA PHE A 316 -0.45 -9.14 -39.69
C PHE A 316 -0.61 -10.64 -39.43
N GLY A 317 -0.41 -11.49 -40.42
CA GLY A 317 -0.34 -12.91 -40.18
C GLY A 317 -1.69 -13.61 -40.15
N LYS A 318 -1.62 -14.87 -39.70
CA LYS A 318 -2.75 -15.80 -39.70
C LYS A 318 -3.01 -16.29 -38.30
N PRO A 319 -3.89 -15.60 -37.56
CA PRO A 319 -4.21 -16.04 -36.18
C PRO A 319 -4.97 -17.36 -36.12
N GLU A 320 -5.70 -17.72 -37.18
CA GLU A 320 -6.40 -19.01 -37.22
C GLU A 320 -5.45 -20.19 -37.04
N LYS A 321 -4.18 -20.01 -37.37
CA LYS A 321 -3.17 -21.06 -37.23
C LYS A 321 -2.79 -21.32 -35.79
N PHE A 322 -3.16 -20.42 -34.87
CA PHE A 322 -2.84 -20.56 -33.46
C PHE A 322 -4.06 -20.81 -32.58
N CYS A 323 -5.22 -20.27 -32.95
CA CYS A 323 -6.47 -20.50 -32.24
C CYS A 323 -7.37 -21.50 -32.94
N GLY A 324 -6.86 -22.22 -33.93
CA GLY A 324 -7.71 -23.09 -34.74
C GLY A 324 -8.23 -24.29 -33.98
N GLN A 325 -7.33 -25.06 -33.38
CA GLN A 325 -7.63 -26.36 -32.79
C GLN A 325 -7.38 -26.30 -31.28
N PRO A 326 -8.42 -25.98 -30.49
CA PRO A 326 -8.21 -25.79 -29.05
C PRO A 326 -7.88 -27.05 -28.27
N SER A 327 -8.07 -28.24 -28.84
CA SER A 327 -7.57 -29.43 -28.16
C SER A 327 -6.07 -29.57 -28.27
N ARG A 328 -5.46 -28.92 -29.27
CA ARG A 328 -4.02 -28.99 -29.47
C ARG A 328 -3.27 -28.02 -28.56
N SER A 329 -3.90 -26.91 -28.21
CA SER A 329 -3.25 -25.84 -27.43
C SER A 329 -3.84 -25.75 -26.03
N MET A 330 -4.08 -26.91 -25.40
CA MET A 330 -4.75 -26.92 -24.11
C MET A 330 -4.08 -27.90 -23.17
N TRP A 331 -3.89 -27.45 -21.92
CA TRP A 331 -3.62 -28.34 -20.81
C TRP A 331 -4.21 -27.71 -19.56
N GLU A 332 -4.22 -28.48 -18.49
CA GLU A 332 -4.96 -28.12 -17.29
C GLU A 332 -4.03 -28.05 -16.10
N SER A 333 -4.13 -26.96 -15.34
CA SER A 333 -3.37 -26.78 -14.13
C SER A 333 -4.28 -26.97 -12.92
N ALA A 334 -3.68 -26.94 -11.72
CA ALA A 334 -4.46 -27.08 -10.50
C ALA A 334 -3.63 -26.53 -9.33
N THR A 335 -4.24 -25.63 -8.56
CA THR A 335 -3.58 -25.01 -7.42
C THR A 335 -4.00 -25.74 -6.15
N LEU A 336 -3.03 -26.26 -5.41
CA LEU A 336 -3.28 -27.06 -4.21
C LEU A 336 -2.87 -26.26 -2.97
N THR A 337 -3.81 -26.12 -2.03
CA THR A 337 -3.60 -25.48 -0.74
C THR A 337 -3.71 -26.53 0.36
N CYS A 338 -2.60 -26.82 1.04
CA CYS A 338 -2.51 -27.99 1.90
C CYS A 338 -2.28 -27.56 3.34
N LYS A 339 -3.17 -28.01 4.25
CA LYS A 339 -2.72 -28.04 5.64
C LYS A 339 -2.03 -29.37 5.90
N PRO A 340 -1.05 -29.40 6.81
CA PRO A 340 -0.14 -30.55 6.91
C PRO A 340 -0.84 -31.90 6.88
N SER A 341 -0.25 -32.81 6.11
CA SER A 341 -0.82 -34.12 5.81
C SER A 341 0.32 -35.05 5.39
N PRO A 342 0.06 -36.33 5.10
CA PRO A 342 1.12 -37.18 4.55
C PRO A 342 1.63 -36.73 3.18
N LEU A 343 0.92 -35.84 2.48
CA LEU A 343 1.44 -35.32 1.22
C LEU A 343 2.64 -34.41 1.47
N THR A 344 2.53 -33.51 2.44
CA THR A 344 3.66 -32.66 2.78
C THR A 344 4.72 -33.41 3.58
N GLU A 345 4.34 -34.48 4.28
CA GLU A 345 5.33 -35.33 4.93
C GLU A 345 6.19 -36.04 3.90
N ARG A 346 5.57 -36.63 2.88
CA ARG A 346 6.34 -37.16 1.75
C ARG A 346 7.16 -36.05 1.10
N LEU A 347 6.60 -34.84 0.98
CA LEU A 347 7.30 -33.76 0.32
C LEU A 347 8.60 -33.40 1.04
N LYS A 348 8.65 -33.62 2.36
CA LYS A 348 9.88 -33.36 3.09
C LYS A 348 11.03 -34.24 2.60
N ASP A 349 10.72 -35.40 2.02
CA ASP A 349 11.76 -36.31 1.55
C ASP A 349 12.35 -35.90 0.21
N LEU A 350 11.63 -35.11 -0.60
CA LEU A 350 12.05 -34.74 -1.94
C LEU A 350 12.54 -33.31 -2.07
N SER A 351 12.73 -32.61 -0.96
CA SER A 351 12.96 -31.17 -0.97
C SER A 351 14.43 -30.85 -0.74
N ILE A 352 14.87 -29.74 -1.34
CA ILE A 352 16.23 -29.24 -1.09
C ILE A 352 16.36 -28.75 0.35
N ASN A 353 15.30 -28.13 0.87
CA ASN A 353 15.30 -27.70 2.26
C ASN A 353 14.01 -28.17 2.93
N ASP A 354 13.55 -27.46 3.90
CA ASP A 354 12.22 -27.82 4.36
C ASP A 354 11.18 -26.92 3.71
N PRO A 355 9.99 -27.45 3.40
CA PRO A 355 8.95 -26.62 2.78
C PRO A 355 8.63 -25.33 3.54
N TYR A 356 8.56 -25.40 4.87
CA TYR A 356 8.24 -24.21 5.67
C TYR A 356 9.45 -23.34 5.96
N SER A 357 10.66 -23.78 5.57
CA SER A 357 11.87 -23.03 5.87
C SER A 357 11.81 -21.60 5.37
N GLY A 358 11.06 -21.34 4.30
CA GLY A 358 11.11 -20.07 3.62
C GLY A 358 12.06 -20.04 2.44
N LYS A 359 12.91 -21.05 2.31
CA LYS A 359 13.84 -21.18 1.21
C LYS A 359 13.22 -22.02 0.09
N THR A 360 13.97 -22.20 -0.99
CA THR A 360 13.53 -23.10 -2.06
C THR A 360 13.27 -24.49 -1.49
N VAL A 361 12.28 -25.18 -2.05
CA VAL A 361 11.91 -26.50 -1.55
C VAL A 361 12.13 -27.55 -2.65
N THR A 362 11.23 -27.61 -3.64
CA THR A 362 11.42 -28.59 -4.71
C THR A 362 12.43 -28.13 -5.76
N GLY A 363 12.79 -26.85 -5.78
CA GLY A 363 13.79 -26.38 -6.72
C GLY A 363 13.32 -26.27 -8.15
N GLY A 364 12.02 -26.16 -8.36
CA GLY A 364 11.41 -26.20 -9.67
C GLY A 364 10.38 -27.32 -9.76
N ILE A 365 9.97 -27.62 -10.99
CA ILE A 365 8.95 -28.64 -11.19
C ILE A 365 9.55 -30.02 -10.97
N ILE A 366 8.71 -30.95 -10.56
CA ILE A 366 9.06 -32.37 -10.47
C ILE A 366 8.14 -33.11 -11.43
N THR A 367 8.72 -33.88 -12.35
CA THR A 367 7.98 -34.50 -13.42
C THR A 367 7.99 -36.02 -13.27
N PHE A 368 6.79 -36.60 -13.25
CA PHE A 368 6.63 -38.05 -13.20
C PHE A 368 6.64 -38.59 -14.63
N THR A 369 7.71 -39.30 -14.98
CA THR A 369 7.96 -39.64 -16.38
C THR A 369 7.07 -40.77 -16.89
N ASP A 370 6.79 -41.76 -16.05
CA ASP A 370 5.92 -42.86 -16.44
C ASP A 370 4.46 -42.56 -16.20
N SER A 371 4.10 -41.31 -15.95
CA SER A 371 2.71 -40.92 -15.81
C SER A 371 2.12 -40.66 -17.19
N ASN A 372 0.99 -41.33 -17.47
CA ASN A 372 0.36 -41.20 -18.79
C ASN A 372 -0.06 -39.77 -19.08
N TRP A 373 -0.25 -38.94 -18.04
CA TRP A 373 -0.64 -37.56 -18.22
C TRP A 373 0.54 -36.63 -18.51
N VAL A 374 1.77 -37.12 -18.36
CA VAL A 374 2.96 -36.27 -18.28
C VAL A 374 2.69 -35.23 -17.19
N LEU A 375 2.65 -35.70 -15.94
CA LEU A 375 2.22 -34.89 -14.81
C LEU A 375 3.44 -34.32 -14.10
N SER A 376 3.45 -33.00 -13.93
CA SER A 376 4.51 -32.32 -13.21
C SER A 376 3.90 -31.50 -12.07
N PHE A 377 4.70 -31.26 -11.03
CA PHE A 377 4.24 -30.42 -9.94
C PHE A 377 5.42 -29.71 -9.33
N THR A 378 5.15 -28.53 -8.78
CA THR A 378 6.18 -27.68 -8.20
C THR A 378 5.69 -27.17 -6.85
N CYS A 379 6.63 -27.07 -5.92
CA CYS A 379 6.44 -26.30 -4.69
C CYS A 379 7.48 -25.19 -4.73
N ASN A 380 7.02 -23.96 -4.96
CA ASN A 380 7.94 -22.84 -4.99
C ASN A 380 8.32 -22.42 -3.58
N ARG A 381 9.21 -21.42 -3.51
CA ARG A 381 9.68 -20.85 -2.26
C ARG A 381 8.52 -20.44 -1.36
N GLN A 382 8.34 -21.17 -0.27
CA GLN A 382 7.13 -20.88 0.49
C GLN A 382 7.41 -19.77 1.51
N PRO A 383 6.50 -18.81 1.69
CA PRO A 383 5.17 -18.78 1.10
C PRO A 383 5.11 -18.16 -0.29
N HIS A 384 4.11 -18.60 -1.06
CA HIS A 384 3.98 -18.17 -2.45
C HIS A 384 3.26 -16.82 -2.55
N PHE A 385 2.22 -16.62 -1.72
CA PHE A 385 1.45 -15.38 -1.61
C PHE A 385 1.81 -14.63 -0.33
N PRO A 386 1.69 -13.30 -0.35
CA PRO A 386 2.02 -12.54 0.87
C PRO A 386 1.09 -12.83 2.03
N THR A 387 -0.20 -13.02 1.77
CA THR A 387 -1.21 -13.22 2.82
C THR A 387 -1.44 -14.67 3.18
N GLN A 388 -0.45 -15.55 3.00
CA GLN A 388 -0.84 -16.91 3.33
C GLN A 388 -0.23 -17.37 4.64
N PRO A 389 -0.96 -18.16 5.43
CA PRO A 389 -0.49 -18.55 6.77
C PRO A 389 0.67 -19.53 6.73
N ASP A 390 1.22 -19.78 7.93
CA ASP A 390 2.41 -20.61 8.07
C ASP A 390 2.10 -22.10 8.05
N ASP A 391 0.86 -22.51 8.31
CA ASP A 391 0.50 -23.92 8.28
C ASP A 391 -0.12 -24.32 6.94
N VAL A 392 0.02 -23.49 5.92
CA VAL A 392 -0.47 -23.81 4.59
C VAL A 392 0.67 -23.68 3.59
N LEU A 393 0.66 -24.55 2.58
CA LEU A 393 1.59 -24.49 1.47
C LEU A 393 0.81 -24.46 0.16
N VAL A 394 1.30 -23.69 -0.79
CA VAL A 394 0.69 -23.63 -2.12
C VAL A 394 1.58 -24.41 -3.08
N LEU A 395 1.08 -25.55 -3.54
CA LEU A 395 1.72 -26.32 -4.59
C LEU A 395 1.00 -26.05 -5.90
N TRP A 396 1.76 -26.09 -7.00
CA TRP A 396 1.19 -25.97 -8.34
C TRP A 396 1.43 -27.26 -9.10
N VAL A 397 0.38 -27.75 -9.76
CA VAL A 397 0.44 -28.99 -10.52
C VAL A 397 -0.15 -28.74 -11.90
N TYR A 398 0.33 -29.48 -12.88
CA TYR A 398 -0.21 -29.42 -14.24
C TYR A 398 0.24 -30.65 -15.00
N ALA A 399 -0.43 -30.92 -16.11
CA ALA A 399 -0.11 -32.07 -16.95
C ALA A 399 -0.29 -31.68 -18.42
N LEU A 400 0.26 -32.53 -19.30
CA LEU A 400 0.33 -32.26 -20.74
C LEU A 400 -0.73 -33.02 -21.53
N VAL A 401 -0.87 -34.32 -21.31
CA VAL A 401 -1.73 -35.16 -22.15
C VAL A 401 -3.13 -35.16 -21.56
N MET A 402 -4.08 -34.66 -22.33
CA MET A 402 -5.49 -34.64 -21.94
C MET A 402 -6.27 -35.82 -22.50
N ASP A 403 -5.61 -36.74 -23.20
CA ASP A 403 -6.30 -37.80 -23.93
C ASP A 403 -6.23 -39.17 -23.27
N SER A 404 -5.46 -39.32 -22.19
CA SER A 404 -5.07 -40.65 -21.75
C SER A 404 -5.55 -40.93 -20.33
N LYS A 405 -5.69 -42.21 -20.04
CA LYS A 405 -6.06 -42.67 -18.70
C LYS A 405 -4.85 -42.55 -17.78
N GLY A 406 -5.10 -42.22 -16.53
CA GLY A 406 -4.02 -42.18 -15.56
C GLY A 406 -3.52 -43.58 -15.25
N ASN A 407 -2.41 -43.63 -14.51
CA ASN A 407 -1.86 -44.91 -14.12
C ASN A 407 -2.68 -45.57 -13.02
N HIS A 408 -3.25 -44.75 -12.12
CA HIS A 408 -4.06 -45.22 -11.02
C HIS A 408 -5.53 -44.85 -11.18
N VAL A 409 -5.82 -43.60 -11.51
CA VAL A 409 -7.17 -43.17 -11.85
C VAL A 409 -7.36 -43.35 -13.35
N LEU A 410 -8.17 -44.34 -13.74
CA LEU A 410 -8.37 -44.65 -15.15
C LEU A 410 -9.32 -43.69 -15.84
N LYS A 411 -9.12 -42.38 -15.62
CA LYS A 411 -9.91 -41.30 -16.17
C LYS A 411 -9.03 -40.33 -16.95
N PRO A 412 -9.49 -39.84 -18.10
CA PRO A 412 -8.78 -38.72 -18.73
C PRO A 412 -8.87 -37.50 -17.83
N MET A 413 -7.78 -36.75 -17.75
CA MET A 413 -7.68 -35.70 -16.74
C MET A 413 -8.65 -34.54 -16.96
N PRO A 414 -9.01 -34.17 -18.19
CA PRO A 414 -10.07 -33.15 -18.34
C PRO A 414 -11.40 -33.60 -17.76
N GLU A 415 -11.65 -34.91 -17.70
CA GLU A 415 -12.87 -35.40 -17.04
C GLU A 415 -12.67 -35.62 -15.54
N CYS A 416 -11.46 -35.95 -15.10
CA CYS A 416 -11.20 -36.17 -13.69
C CYS A 416 -10.99 -34.83 -13.00
N THR A 417 -11.49 -34.71 -11.78
CA THR A 417 -11.38 -33.45 -11.05
C THR A 417 -10.92 -33.64 -9.61
N GLY A 418 -10.43 -32.54 -9.04
CA GLY A 418 -10.03 -32.39 -7.66
C GLY A 418 -9.46 -33.55 -6.89
N ARG A 419 -10.30 -34.20 -6.08
CA ARG A 419 -9.87 -35.35 -5.29
C ARG A 419 -9.20 -36.39 -6.17
N GLU A 420 -9.77 -36.65 -7.35
CA GLU A 420 -9.21 -37.65 -8.26
C GLU A 420 -7.80 -37.26 -8.70
N ILE A 421 -7.56 -35.97 -8.94
CA ILE A 421 -6.21 -35.51 -9.26
C ILE A 421 -5.25 -35.81 -8.13
N LEU A 422 -5.74 -35.81 -6.89
CA LEU A 422 -4.89 -36.14 -5.76
C LEU A 422 -4.46 -37.59 -5.79
N ALA A 423 -5.27 -38.47 -6.36
CA ALA A 423 -4.95 -39.90 -6.37
C ALA A 423 -3.84 -40.21 -7.36
N GLU A 424 -3.94 -39.69 -8.59
CA GLU A 424 -2.86 -39.85 -9.55
C GLU A 424 -1.57 -39.25 -9.03
N LEU A 425 -1.67 -38.08 -8.39
CA LEU A 425 -0.49 -37.44 -7.82
C LEU A 425 0.08 -38.26 -6.66
N CYS A 426 -0.78 -38.70 -5.74
CA CYS A 426 -0.31 -39.46 -4.59
C CYS A 426 0.17 -40.86 -4.99
N TYR A 427 -0.41 -41.43 -6.04
CA TYR A 427 0.06 -42.71 -6.54
C TYR A 427 1.50 -42.60 -7.03
N HIS A 428 1.77 -41.63 -7.91
CA HIS A 428 3.12 -41.41 -8.41
C HIS A 428 4.06 -40.92 -7.33
N LEU A 429 3.54 -40.41 -6.21
CA LEU A 429 4.39 -40.00 -5.09
C LEU A 429 4.73 -41.14 -4.14
N GLY A 430 4.06 -42.27 -4.24
CA GLY A 430 4.31 -43.37 -3.32
C GLY A 430 3.50 -43.34 -2.05
N ILE A 431 2.37 -42.63 -2.04
CA ILE A 431 1.49 -42.55 -0.88
C ILE A 431 0.05 -42.72 -1.36
N VAL A 432 -0.20 -43.77 -2.14
CA VAL A 432 -1.53 -43.94 -2.69
C VAL A 432 -2.48 -44.49 -1.63
N ASP A 433 -1.96 -45.22 -0.64
CA ASP A 433 -2.76 -45.73 0.46
C ASP A 433 -3.18 -44.65 1.47
N GLN A 434 -2.62 -43.45 1.38
CA GLN A 434 -2.92 -42.37 2.31
C GLN A 434 -3.61 -41.19 1.62
N VAL A 435 -4.47 -41.49 0.64
CA VAL A 435 -5.16 -40.44 -0.11
C VAL A 435 -6.21 -39.75 0.76
N ASP A 436 -7.01 -40.53 1.49
CA ASP A 436 -8.12 -39.98 2.26
C ASP A 436 -7.67 -38.88 3.23
N GLU A 437 -6.50 -39.05 3.85
CA GLU A 437 -6.02 -38.06 4.80
C GLU A 437 -5.71 -36.74 4.12
N VAL A 438 -4.94 -36.79 3.02
CA VAL A 438 -4.58 -35.58 2.30
C VAL A 438 -5.78 -34.98 1.58
N ALA A 439 -6.76 -35.80 1.21
CA ALA A 439 -7.88 -35.32 0.40
C ALA A 439 -8.66 -34.19 1.09
N ARG A 440 -9.01 -34.39 2.37
CA ARG A 440 -9.76 -33.36 3.09
C ARG A 440 -8.89 -32.19 3.55
N GLN A 441 -7.58 -32.40 3.73
CA GLN A 441 -6.72 -31.34 4.27
C GLN A 441 -6.16 -30.43 3.18
N THR A 442 -6.37 -30.75 1.91
CA THR A 442 -5.82 -29.95 0.83
C THR A 442 -6.97 -29.45 -0.02
N LYS A 443 -7.01 -28.13 -0.24
CA LYS A 443 -8.00 -27.51 -1.11
C LYS A 443 -7.37 -27.36 -2.49
N VAL A 444 -8.04 -27.89 -3.50
CA VAL A 444 -7.53 -27.84 -4.87
C VAL A 444 -8.53 -27.08 -5.73
N ARG A 445 -8.02 -26.16 -6.55
CA ARG A 445 -8.79 -25.45 -7.55
C ARG A 445 -8.13 -25.67 -8.90
N LEU A 446 -8.94 -26.04 -9.91
CA LEU A 446 -8.41 -26.40 -11.21
C LEU A 446 -8.64 -25.28 -12.22
N ALA A 447 -7.78 -25.26 -13.23
CA ALA A 447 -7.93 -24.37 -14.37
C ALA A 447 -7.64 -25.17 -15.63
N LEU A 448 -8.59 -25.19 -16.55
CA LEU A 448 -8.47 -25.92 -17.81
C LEU A 448 -8.46 -24.87 -18.92
N MET A 449 -7.26 -24.48 -19.36
CA MET A 449 -7.04 -23.40 -20.32
C MET A 449 -6.94 -23.94 -21.75
N PRO A 450 -7.74 -23.44 -22.69
CA PRO A 450 -7.76 -23.98 -24.06
C PRO A 450 -6.78 -23.35 -25.04
N PHE A 451 -6.09 -22.27 -24.64
CA PHE A 451 -5.10 -21.61 -25.48
C PHE A 451 -3.79 -21.37 -24.74
N ILE A 452 -3.51 -22.15 -23.69
CA ILE A 452 -2.33 -21.92 -22.88
C ILE A 452 -1.03 -22.20 -23.64
N THR A 453 -1.11 -22.92 -24.76
CA THR A 453 0.05 -23.13 -25.63
C THR A 453 -0.27 -22.80 -27.09
N ALA A 454 -1.16 -21.84 -27.33
CA ALA A 454 -1.47 -21.47 -28.70
C ALA A 454 -0.30 -20.78 -29.39
N GLN A 455 0.62 -20.20 -28.62
CA GLN A 455 1.81 -19.60 -29.20
C GLN A 455 2.79 -20.65 -29.69
N PHE A 456 2.77 -21.84 -29.10
CA PHE A 456 3.66 -22.94 -29.47
C PHE A 456 3.20 -23.68 -30.72
N MET A 457 2.06 -23.31 -31.30
CA MET A 457 1.50 -24.08 -32.40
C MET A 457 2.37 -23.98 -33.64
N PRO A 458 2.32 -24.99 -34.52
CA PRO A 458 3.12 -24.94 -35.75
C PRO A 458 2.83 -23.68 -36.57
N ARG A 459 3.87 -23.19 -37.24
CA ARG A 459 3.77 -21.93 -37.96
C ARG A 459 4.73 -21.93 -39.13
N ALA A 460 4.48 -21.02 -40.06
CA ALA A 460 5.34 -20.80 -41.21
C ALA A 460 5.72 -19.32 -41.25
N ALA A 461 6.70 -19.00 -42.10
CA ALA A 461 7.14 -17.62 -42.24
C ALA A 461 5.98 -16.73 -42.66
N GLY A 462 5.81 -15.61 -41.96
CA GLY A 462 4.71 -14.72 -42.19
C GLY A 462 3.50 -14.94 -41.31
N ASP A 463 3.45 -16.05 -40.56
CA ASP A 463 2.29 -16.33 -39.72
C ASP A 463 2.18 -15.35 -38.56
N ARG A 464 3.31 -14.81 -38.08
CA ARG A 464 3.23 -13.84 -37.01
C ARG A 464 3.76 -12.49 -37.49
N PRO A 465 3.12 -11.39 -37.11
CA PRO A 465 3.63 -10.07 -37.50
C PRO A 465 4.86 -9.69 -36.68
N ARG A 466 5.68 -8.83 -37.26
CA ARG A 466 6.80 -8.28 -36.51
C ARG A 466 6.28 -7.33 -35.43
N VAL A 467 7.19 -6.91 -34.55
CA VAL A 467 6.80 -5.95 -33.52
C VAL A 467 6.28 -4.67 -34.15
N VAL A 468 6.95 -4.20 -35.20
CA VAL A 468 6.39 -3.19 -36.09
C VAL A 468 6.29 -3.79 -37.48
N PRO A 469 5.10 -4.15 -37.95
CA PRO A 469 4.98 -4.70 -39.30
C PRO A 469 5.40 -3.68 -40.35
N ALA A 470 5.78 -4.21 -41.52
CA ALA A 470 6.31 -3.36 -42.58
C ALA A 470 5.26 -2.35 -43.04
N GLY A 471 5.56 -1.06 -42.88
CA GLY A 471 4.68 0.02 -43.25
C GLY A 471 4.15 0.81 -42.06
N CYS A 472 3.99 0.15 -40.91
CA CYS A 472 3.36 0.78 -39.76
C CYS A 472 4.24 1.89 -39.19
N THR A 473 3.60 3.01 -38.84
CA THR A 473 4.30 4.18 -38.31
C THR A 473 3.91 4.54 -36.89
N ASN A 474 2.79 4.02 -36.37
CA ASN A 474 2.38 4.35 -35.00
C ASN A 474 1.75 3.17 -34.27
N LEU A 475 1.94 1.94 -34.76
CA LEU A 475 1.37 0.76 -34.14
C LEU A 475 2.46 -0.27 -33.89
N ALA A 476 2.55 -0.77 -32.66
CA ALA A 476 3.46 -1.85 -32.31
C ALA A 476 2.69 -2.93 -31.57
N LEU A 477 2.99 -4.18 -31.90
CA LEU A 477 2.33 -5.32 -31.29
C LEU A 477 3.27 -6.01 -30.30
N LEU A 478 2.68 -6.64 -29.29
CA LEU A 478 3.40 -7.19 -28.16
C LEU A 478 2.96 -8.62 -27.90
N GLY A 479 3.76 -9.32 -27.10
CA GLY A 479 3.36 -10.61 -26.59
C GLY A 479 4.06 -11.78 -27.26
N GLN A 480 3.43 -12.94 -27.13
CA GLN A 480 4.01 -14.22 -27.56
C GLN A 480 3.59 -14.61 -28.97
N PHE A 481 2.93 -13.72 -29.71
CA PHE A 481 2.46 -14.01 -31.06
C PHE A 481 3.07 -13.09 -32.10
N VAL A 482 4.25 -12.54 -31.83
CA VAL A 482 4.89 -11.61 -32.74
C VAL A 482 6.28 -12.12 -33.09
N GLU A 483 6.71 -11.82 -34.31
CA GLU A 483 7.96 -12.34 -34.85
C GLU A 483 9.09 -11.37 -34.54
N THR A 484 10.03 -11.80 -33.69
CA THR A 484 11.27 -11.07 -33.48
C THR A 484 12.41 -11.81 -34.19
N SER A 485 13.45 -12.16 -33.44
CA SER A 485 14.40 -13.18 -33.86
C SER A 485 14.63 -14.22 -32.77
N ASN A 486 13.80 -14.23 -31.73
CA ASN A 486 14.04 -14.99 -30.52
C ASN A 486 12.85 -15.90 -30.25
N ASP A 487 12.97 -16.67 -29.17
CA ASP A 487 11.93 -17.60 -28.74
C ASP A 487 10.83 -16.86 -27.98
N ILE A 488 9.69 -17.54 -27.87
CA ILE A 488 8.56 -17.07 -27.08
C ILE A 488 8.30 -17.98 -25.89
N ILE A 489 9.20 -18.93 -25.62
CA ILE A 489 8.96 -19.93 -24.58
C ILE A 489 9.14 -19.39 -23.17
N PHE A 490 9.79 -18.23 -23.01
CA PHE A 490 9.83 -17.51 -21.75
C PHE A 490 8.83 -16.37 -21.85
N THR A 491 7.77 -16.46 -21.04
CA THR A 491 6.62 -15.58 -21.24
C THR A 491 6.95 -14.14 -20.87
N MET A 492 7.45 -13.92 -19.65
CA MET A 492 7.74 -12.55 -19.23
C MET A 492 8.91 -11.95 -20.02
N GLU A 493 9.97 -12.74 -20.24
CA GLU A 493 11.11 -12.25 -21.02
C GLU A 493 10.66 -11.77 -22.40
N SER A 494 9.85 -12.58 -23.09
CA SER A 494 9.41 -12.20 -24.43
C SER A 494 8.50 -10.98 -24.40
N SER A 495 7.70 -10.85 -23.34
CA SER A 495 6.84 -9.69 -23.22
C SER A 495 7.64 -8.40 -23.10
N VAL A 496 8.73 -8.43 -22.32
CA VAL A 496 9.55 -7.24 -22.14
C VAL A 496 10.36 -6.94 -23.40
N ARG A 497 10.85 -7.99 -24.06
CA ARG A 497 11.66 -7.80 -25.25
C ARG A 497 10.85 -7.10 -26.35
N THR A 498 9.63 -7.57 -26.59
CA THR A 498 8.77 -6.95 -27.59
C THR A 498 8.39 -5.52 -27.19
N ALA A 499 8.17 -5.31 -25.89
CA ALA A 499 7.86 -3.97 -25.41
C ALA A 499 9.00 -3.00 -25.72
N ARG A 500 10.24 -3.44 -25.50
CA ARG A 500 11.38 -2.56 -25.76
C ARG A 500 11.53 -2.30 -27.25
N ILE A 501 11.43 -3.34 -28.07
CA ILE A 501 11.49 -3.18 -29.52
C ILE A 501 10.42 -2.21 -29.99
N GLY A 502 9.21 -2.33 -29.44
CA GLY A 502 8.13 -1.45 -29.85
C GLY A 502 8.41 0.00 -29.56
N VAL A 503 8.79 0.32 -28.32
CA VAL A 503 9.04 1.70 -27.94
C VAL A 503 10.24 2.26 -28.69
N TYR A 504 11.30 1.47 -28.84
CA TYR A 504 12.52 1.94 -29.49
C TYR A 504 12.31 2.21 -30.97
N THR A 505 11.66 1.28 -31.68
CA THR A 505 11.54 1.39 -33.13
C THR A 505 10.72 2.61 -33.53
N LEU A 506 9.53 2.77 -32.92
CA LEU A 506 8.68 3.90 -33.26
C LEU A 506 9.36 5.23 -32.92
N LEU A 507 10.19 5.25 -31.90
CA LEU A 507 10.94 6.45 -31.54
C LEU A 507 12.37 6.34 -32.07
N GLY A 508 13.36 6.23 -31.20
CA GLY A 508 14.73 6.05 -31.65
C GLY A 508 15.55 5.21 -30.70
N LEU A 509 16.54 4.52 -31.27
CA LEU A 509 17.42 3.65 -30.51
C LEU A 509 18.55 4.46 -29.87
N PRO A 518 24.46 -13.87 -30.20
CA PRO A 518 25.79 -13.60 -29.64
C PRO A 518 26.41 -14.81 -28.95
N THR A 519 25.65 -15.44 -28.05
CA THR A 519 26.23 -16.44 -27.17
C THR A 519 26.55 -17.73 -27.91
N GLN A 520 25.87 -18.01 -29.03
CA GLN A 520 26.03 -19.30 -29.68
C GLN A 520 27.38 -19.42 -30.38
N TYR A 521 27.92 -18.31 -30.88
CA TYR A 521 29.18 -18.37 -31.61
C TYR A 521 30.41 -18.46 -30.71
N ASP A 522 30.22 -18.50 -29.39
CA ASP A 522 31.34 -18.49 -28.46
C ASP A 522 31.95 -19.88 -28.40
N VAL A 523 33.25 -19.98 -28.71
CA VAL A 523 33.95 -21.26 -28.75
C VAL A 523 33.82 -22.00 -27.42
N ARG A 524 33.93 -21.27 -26.31
CA ARG A 524 33.76 -21.92 -25.00
C ARG A 524 32.37 -22.51 -24.84
N ASN A 525 31.35 -21.91 -25.49
CA ASN A 525 29.99 -22.42 -25.34
C ASN A 525 29.75 -23.69 -26.17
N LEU A 526 30.35 -23.77 -27.36
CA LEU A 526 30.22 -24.99 -28.15
C LEU A 526 30.85 -26.18 -27.44
N ILE A 527 31.94 -25.95 -26.72
CA ILE A 527 32.54 -27.01 -25.92
C ILE A 527 31.66 -27.32 -24.71
N LYS A 528 31.09 -26.30 -24.08
CA LYS A 528 30.17 -26.53 -22.98
C LYS A 528 28.95 -27.31 -23.46
N GLY A 529 28.49 -27.03 -24.69
CA GLY A 529 27.35 -27.75 -25.22
C GLY A 529 27.69 -29.18 -25.61
N ALA A 530 28.76 -29.35 -26.40
CA ALA A 530 29.10 -30.68 -26.92
C ALA A 530 29.34 -31.67 -25.79
N ARG A 531 29.96 -31.23 -24.69
CA ARG A 531 30.18 -32.13 -23.56
C ARG A 531 28.88 -32.48 -22.86
N ALA A 532 27.98 -31.50 -22.75
CA ALA A 532 26.68 -31.75 -22.13
C ALA A 532 25.82 -32.66 -23.00
N LEU A 533 25.84 -32.44 -24.32
CA LEU A 533 25.12 -33.34 -25.21
C LEU A 533 25.62 -34.77 -25.08
N ASN A 534 26.92 -34.96 -24.83
CA ASN A 534 27.51 -36.27 -24.73
C ASN A 534 27.61 -36.74 -23.28
N ASN A 535 26.72 -36.25 -22.42
CA ASN A 535 26.54 -36.73 -21.05
C ASN A 535 27.82 -36.62 -20.21
N ASN A 536 28.51 -35.48 -20.35
CA ASN A 536 29.66 -35.10 -19.53
C ASN A 536 30.90 -35.92 -19.87
N GLU A 537 30.76 -36.94 -20.69
CA GLU A 537 31.88 -37.70 -21.19
C GLU A 537 32.55 -36.96 -22.34
N PRO A 538 33.87 -37.09 -22.50
CA PRO A 538 34.56 -36.42 -23.61
C PRO A 538 33.91 -36.73 -24.95
N PHE A 539 33.66 -35.69 -25.74
CA PHE A 539 32.97 -35.82 -27.02
C PHE A 539 33.98 -36.13 -28.11
N MET A 540 33.56 -35.97 -29.37
CA MET A 540 34.30 -36.46 -30.53
C MET A 540 35.70 -35.86 -30.61
N GLY A 541 35.80 -34.59 -30.98
CA GLY A 541 37.10 -33.99 -31.14
C GLY A 541 37.82 -33.59 -29.88
N GLU A 542 37.32 -33.97 -28.70
CA GLU A 542 37.86 -33.41 -27.46
C GLU A 542 39.26 -33.89 -27.19
N ARG A 543 39.51 -35.20 -27.34
CA ARG A 543 40.85 -35.72 -27.12
C ARG A 543 41.85 -35.03 -28.04
N LEU A 544 41.43 -34.73 -29.27
CA LEU A 544 42.27 -33.94 -30.16
C LEU A 544 42.43 -32.52 -29.65
N LEU A 545 41.33 -31.87 -29.28
CA LEU A 545 41.39 -30.48 -28.84
C LEU A 545 42.27 -30.29 -27.61
N HIS A 546 42.33 -31.29 -26.73
CA HIS A 546 43.25 -31.20 -25.60
C HIS A 546 44.70 -31.25 -26.06
N ARG A 547 45.04 -32.19 -26.96
CA ARG A 547 46.42 -32.33 -27.38
C ARG A 547 46.94 -31.08 -28.10
N LEU A 548 46.08 -30.35 -28.81
CA LEU A 548 46.53 -29.15 -29.49
C LEU A 548 46.56 -27.94 -28.56
N LEU A 549 45.75 -27.94 -27.50
CA LEU A 549 45.55 -26.71 -26.73
C LEU A 549 46.04 -26.77 -25.28
N ASP A 550 46.44 -27.93 -24.76
CA ASP A 550 46.75 -28.02 -23.34
C ASP A 550 47.95 -27.17 -22.94
N ASN A 551 48.87 -26.91 -23.87
CA ASN A 551 50.05 -26.12 -23.57
C ASN A 551 50.05 -24.78 -24.30
N THR A 552 48.86 -24.17 -24.39
CA THR A 552 48.66 -22.92 -25.12
C THR A 552 47.87 -21.95 -24.27
N TYR A 553 47.67 -20.75 -24.83
CA TYR A 553 46.84 -19.73 -24.21
C TYR A 553 45.41 -20.23 -23.97
N PHE A 554 44.95 -21.18 -24.78
CA PHE A 554 43.55 -21.60 -24.80
C PHE A 554 43.30 -22.89 -24.02
N ALA A 555 44.11 -23.17 -23.01
CA ALA A 555 43.88 -24.36 -22.20
C ALA A 555 42.56 -24.27 -21.43
N HIS A 556 42.16 -23.06 -21.02
CA HIS A 556 41.02 -22.91 -20.14
C HIS A 556 39.69 -23.12 -20.84
N ILE A 557 39.63 -23.03 -22.17
CA ILE A 557 38.37 -23.21 -22.87
C ILE A 557 37.91 -24.67 -22.80
N LEU A 558 38.82 -25.60 -22.45
CA LEU A 558 38.37 -26.97 -22.38
C LEU A 558 38.13 -27.39 -20.94
N PRO A 559 37.19 -28.30 -20.72
CA PRO A 559 37.00 -28.88 -19.41
C PRO A 559 37.93 -30.06 -19.22
N PRO A 560 38.26 -30.41 -17.99
CA PRO A 560 39.17 -31.54 -17.76
C PRO A 560 38.52 -32.89 -18.01
N LEU A 561 39.37 -33.86 -18.33
CA LEU A 561 39.03 -35.25 -18.57
C LEU A 561 39.10 -36.04 -17.27
N PRO A 562 38.46 -37.21 -17.20
CA PRO A 562 38.63 -38.05 -16.02
C PRO A 562 39.88 -38.92 -16.10
N GLN B 1 18.64 -3.47 31.50
CA GLN B 1 18.81 -2.88 30.19
C GLN B 1 18.60 -3.93 29.10
N VAL B 2 17.55 -3.73 28.29
CA VAL B 2 17.15 -4.64 27.21
C VAL B 2 16.64 -5.94 27.80
N GLU B 3 15.75 -6.62 27.08
CA GLU B 3 15.04 -7.78 27.62
C GLU B 3 14.51 -8.63 26.47
N GLY B 4 14.03 -9.83 26.81
CA GLY B 4 13.39 -10.69 25.84
C GLY B 4 11.87 -10.58 25.94
N ARG B 5 11.35 -9.38 25.71
CA ARG B 5 9.95 -9.04 25.90
C ARG B 5 9.24 -8.83 24.57
N LYS B 6 7.91 -8.70 24.67
CA LYS B 6 7.06 -8.28 23.57
C LYS B 6 6.23 -7.09 24.04
N ALA B 7 5.68 -6.34 23.10
CA ALA B 7 4.96 -5.11 23.40
C ALA B 7 3.55 -5.19 22.83
N TRP B 8 2.57 -4.76 23.64
CA TRP B 8 1.17 -4.76 23.25
C TRP B 8 0.63 -3.34 23.31
N ILE B 9 0.04 -2.88 22.21
CA ILE B 9 -0.42 -1.51 22.07
C ILE B 9 -1.92 -1.53 21.78
N ILE B 10 -2.71 -1.11 22.77
CA ILE B 10 -4.16 -1.07 22.64
C ILE B 10 -4.56 0.29 22.07
N GLY B 11 -5.07 0.30 20.84
CA GLY B 11 -5.51 1.57 20.28
C GLY B 11 -4.75 1.96 19.03
N SER B 12 -5.49 2.36 18.01
CA SER B 12 -4.92 2.87 16.76
C SER B 12 -4.97 4.39 16.78
N GLY B 13 -3.82 5.02 16.96
CA GLY B 13 -3.75 6.46 16.85
C GLY B 13 -2.31 6.93 16.88
N ILE B 14 -2.16 8.25 16.90
CA ILE B 14 -0.82 8.84 16.94
C ILE B 14 -0.09 8.40 18.20
N ALA B 15 -0.81 8.28 19.31
CA ALA B 15 -0.19 7.82 20.55
C ALA B 15 0.30 6.38 20.42
N GLY B 16 -0.54 5.51 19.85
CA GLY B 16 -0.14 4.12 19.68
C GLY B 16 1.04 3.97 18.74
N LEU B 17 0.96 4.59 17.56
CA LEU B 17 2.06 4.53 16.60
C LEU B 17 3.34 5.08 17.19
N ALA B 18 3.25 6.21 17.92
CA ALA B 18 4.44 6.81 18.50
C ALA B 18 5.06 5.91 19.56
N SER B 19 4.23 5.20 20.33
CA SER B 19 4.75 4.26 21.31
C SER B 19 5.60 3.18 20.63
N ALA B 20 5.11 2.64 19.52
CA ALA B 20 5.88 1.65 18.77
C ALA B 20 7.21 2.23 18.29
N PHE B 21 7.20 3.45 17.79
CA PHE B 21 8.43 4.09 17.33
C PHE B 21 9.46 4.20 18.46
N TYR B 22 9.03 4.68 19.63
CA TYR B 22 9.96 4.84 20.73
C TYR B 22 10.43 3.49 21.27
N LEU B 23 9.60 2.46 21.14
CA LEU B 23 10.03 1.11 21.49
C LEU B 23 11.15 0.63 20.57
N ILE B 24 11.05 0.95 19.28
CA ILE B 24 12.05 0.48 18.32
C ILE B 24 13.35 1.28 18.48
N ARG B 25 13.27 2.60 18.34
CA ARG B 25 14.49 3.42 18.31
C ARG B 25 15.17 3.47 19.68
N ASP B 26 14.40 3.71 20.74
CA ASP B 26 14.99 3.93 22.05
C ASP B 26 14.83 2.76 23.01
N GLY B 27 13.94 1.82 22.72
CA GLY B 27 13.88 0.58 23.46
C GLY B 27 14.76 -0.52 22.91
N ARG B 28 15.26 -0.35 21.68
CA ARG B 28 16.08 -1.37 21.00
C ARG B 28 15.32 -2.68 20.88
N MET B 29 14.00 -2.59 20.69
CA MET B 29 13.15 -3.73 20.38
C MET B 29 12.97 -3.86 18.88
N LYS B 30 12.26 -4.91 18.48
CA LYS B 30 12.03 -5.22 17.07
C LYS B 30 10.54 -5.11 16.79
N GLY B 31 10.21 -4.75 15.55
CA GLY B 31 8.81 -4.56 15.20
C GLY B 31 7.95 -5.78 15.46
N GLN B 32 8.52 -6.98 15.24
CA GLN B 32 7.73 -8.20 15.38
C GLN B 32 7.28 -8.47 16.80
N ASP B 33 7.94 -7.91 17.81
CA ASP B 33 7.51 -8.10 19.19
C ASP B 33 6.54 -7.02 19.64
N ILE B 34 6.09 -6.16 18.74
CA ILE B 34 5.10 -5.12 19.01
C ILE B 34 3.85 -5.46 18.23
N THR B 35 2.68 -5.40 18.89
CA THR B 35 1.41 -5.64 18.24
C THR B 35 0.46 -4.49 18.55
N ILE B 36 -0.20 -3.98 17.52
CA ILE B 36 -1.19 -2.92 17.65
C ILE B 36 -2.58 -3.55 17.51
N LEU B 37 -3.41 -3.38 18.54
CA LEU B 37 -4.77 -3.92 18.55
C LEU B 37 -5.75 -2.81 18.17
N ASP B 38 -6.34 -2.92 16.99
CA ASP B 38 -7.29 -1.95 16.47
C ASP B 38 -8.72 -2.48 16.58
N ALA B 39 -9.65 -1.56 16.43
CA ALA B 39 -11.10 -1.81 16.43
C ALA B 39 -11.66 -1.79 15.01
N VAL B 40 -10.82 -2.26 14.07
CA VAL B 40 -11.06 -2.52 12.65
C VAL B 40 -10.83 -1.24 11.86
N GLY B 41 -10.51 -1.40 10.57
CA GLY B 41 -10.32 -0.27 9.68
C GLY B 41 -9.99 -0.73 8.28
N GLY B 49 -11.02 5.35 9.27
CA GLY B 49 -11.08 5.98 7.97
C GLY B 49 -12.28 6.89 7.78
N SER B 50 -12.04 8.07 7.22
CA SER B 50 -13.09 9.05 6.99
C SER B 50 -12.56 10.11 6.04
N GLY B 51 -13.47 10.88 5.47
CA GLY B 51 -13.12 11.88 4.49
C GLY B 51 -13.42 11.28 3.13
N ASN B 52 -12.38 11.07 2.33
CA ASN B 52 -12.46 10.27 1.12
C ASN B 52 -13.42 10.74 0.04
N ALA B 53 -13.12 10.36 -1.20
CA ALA B 53 -13.92 10.66 -2.38
C ALA B 53 -14.28 12.14 -2.54
N GLU B 54 -15.11 12.44 -3.55
CA GLU B 54 -15.72 13.75 -3.68
C GLU B 54 -17.17 13.73 -3.23
N ASP B 55 -17.73 12.54 -2.96
CA ASP B 55 -18.96 12.30 -2.21
C ASP B 55 -19.30 13.52 -1.37
N GLY B 56 -18.38 13.93 -0.50
CA GLY B 56 -18.55 15.15 0.25
C GLY B 56 -17.40 15.52 1.17
N TYR B 57 -16.48 14.59 1.42
CA TYR B 57 -15.36 14.79 2.33
C TYR B 57 -15.88 14.95 3.76
N LEU B 58 -15.14 14.45 4.74
CA LEU B 58 -15.58 14.58 6.13
C LEU B 58 -14.34 14.66 7.02
N ILE B 59 -14.03 15.83 7.50
CA ILE B 59 -12.91 15.94 8.35
C ILE B 59 -13.37 15.60 9.70
N ARG B 60 -12.91 14.48 10.21
CA ARG B 60 -13.19 13.95 11.55
C ARG B 60 -14.09 14.66 12.55
N GLY B 61 -13.67 15.87 12.89
CA GLY B 61 -14.26 16.75 13.84
C GLY B 61 -13.12 16.84 14.81
N GLY B 62 -12.29 17.85 14.66
CA GLY B 62 -11.17 17.97 15.55
C GLY B 62 -10.26 19.13 15.33
N ARG B 63 -9.66 19.51 16.43
CA ARG B 63 -8.71 20.59 16.44
C ARG B 63 -7.44 20.06 15.80
N GLU B 64 -6.96 20.78 14.82
CA GLU B 64 -5.84 20.39 13.96
C GLU B 64 -4.68 21.40 14.00
N MET B 65 -4.17 21.72 15.18
CA MET B 65 -3.18 22.77 15.27
C MET B 65 -1.93 22.26 15.96
N ASN B 66 -0.80 22.86 15.58
CA ASN B 66 0.51 22.52 16.11
C ASN B 66 1.18 23.85 16.39
N TRP B 67 1.68 24.00 17.62
CA TRP B 67 2.37 25.22 18.07
C TRP B 67 3.80 24.92 18.50
N ASN B 68 3.98 24.09 19.51
CA ASN B 68 5.28 23.69 20.01
C ASN B 68 5.59 22.28 19.54
N TYR B 69 6.75 22.10 18.90
CA TYR B 69 7.15 20.77 18.50
C TYR B 69 7.90 20.13 19.65
N ASP B 70 9.23 20.17 19.57
CA ASP B 70 10.15 19.54 20.52
C ASP B 70 9.92 18.03 20.57
N HIS B 71 8.68 17.60 20.78
CA HIS B 71 8.34 16.19 20.63
C HIS B 71 8.36 15.77 19.17
N PHE B 72 7.71 16.58 18.31
CA PHE B 72 7.66 16.30 16.88
C PHE B 72 9.06 16.25 16.29
N TRP B 73 9.90 17.21 16.66
CA TRP B 73 11.26 17.28 16.12
C TRP B 73 12.03 16.00 16.36
N ASP B 74 12.02 15.51 17.61
CA ASP B 74 12.78 14.31 17.96
C ASP B 74 12.26 13.08 17.23
N LEU B 75 10.94 12.98 17.05
CA LEU B 75 10.36 11.77 16.49
C LEU B 75 10.46 11.75 14.96
N PHE B 76 9.79 12.70 14.31
CA PHE B 76 9.63 12.68 12.85
C PHE B 76 10.89 13.07 12.09
N GLN B 77 12.03 13.24 12.78
CA GLN B 77 13.28 13.41 12.08
C GLN B 77 13.78 12.11 11.47
N ASP B 78 13.27 10.97 11.92
CA ASP B 78 13.76 9.66 11.49
C ASP B 78 12.75 8.89 10.65
N ILE B 79 11.68 9.53 10.20
CA ILE B 79 10.68 8.89 9.35
C ILE B 79 10.89 9.40 7.93
N PRO B 80 11.16 8.53 6.96
CA PRO B 80 11.31 8.98 5.57
C PRO B 80 10.06 9.72 5.09
N ALA B 81 10.30 10.79 4.32
CA ALA B 81 9.24 11.70 3.91
C ALA B 81 8.15 10.98 3.11
N LEU B 82 7.05 11.70 2.91
CA LEU B 82 5.91 11.14 2.19
C LEU B 82 6.12 11.16 0.69
N GLU B 83 6.59 12.28 0.15
CA GLU B 83 6.70 12.47 -1.29
C GLU B 83 8.12 12.79 -1.74
N TYR B 84 9.10 12.71 -0.85
CA TYR B 84 10.47 13.09 -1.17
C TYR B 84 11.39 11.88 -1.06
N PRO B 85 12.53 11.90 -1.76
CA PRO B 85 13.44 10.76 -1.73
C PRO B 85 14.36 10.81 -0.52
N SER B 86 15.14 9.73 -0.38
CA SER B 86 16.11 9.64 0.70
C SER B 86 17.17 10.73 0.55
N PRO B 87 17.77 11.19 1.66
CA PRO B 87 17.36 10.86 3.03
C PRO B 87 16.50 11.93 3.69
N TYR B 88 15.52 12.45 2.96
CA TYR B 88 14.66 13.50 3.50
C TYR B 88 13.54 12.91 4.35
N SER B 89 13.32 13.50 5.52
CA SER B 89 12.38 13.01 6.51
C SER B 89 11.06 13.78 6.43
N VAL B 90 10.11 13.37 7.28
CA VAL B 90 8.85 14.10 7.42
C VAL B 90 9.09 15.45 8.07
N LEU B 91 10.10 15.55 8.93
CA LEU B 91 10.51 16.85 9.48
C LEU B 91 10.88 17.82 8.37
N ASP B 92 11.57 17.35 7.33
CA ASP B 92 12.02 18.23 6.26
C ASP B 92 10.85 18.74 5.42
N GLU B 93 9.87 17.88 5.15
CA GLU B 93 8.64 18.39 4.53
C GLU B 93 7.96 19.39 5.44
N TYR B 94 7.88 19.07 6.74
CA TYR B 94 7.24 19.94 7.71
C TYR B 94 7.94 21.30 7.78
N ARG B 95 9.27 21.30 7.83
CA ARG B 95 10.03 22.52 8.01
C ARG B 95 10.21 23.32 6.72
N ALA B 96 10.06 22.68 5.55
CA ALA B 96 10.08 23.42 4.29
C ALA B 96 8.78 24.19 4.09
N VAL B 97 7.64 23.51 4.23
CA VAL B 97 6.34 24.11 3.97
C VAL B 97 5.99 25.22 4.94
N ASN B 98 6.73 25.36 6.04
CA ASN B 98 6.50 26.42 7.01
C ASN B 98 7.55 27.51 6.95
N ASP B 99 8.79 27.17 6.58
CA ASP B 99 9.80 28.21 6.38
C ASP B 99 9.58 28.96 5.06
N ASN B 100 8.85 28.37 4.12
CA ASN B 100 8.51 29.04 2.86
C ASN B 100 7.21 29.82 2.98
N ASP B 101 6.13 29.16 3.39
CA ASP B 101 4.81 29.74 3.51
C ASP B 101 4.46 29.85 4.99
N PRO B 102 4.85 30.92 5.68
CA PRO B 102 4.53 31.03 7.11
C PRO B 102 3.04 31.27 7.32
N ASN B 103 2.56 30.84 8.47
CA ASN B 103 1.15 30.96 8.81
C ASN B 103 0.90 32.22 9.62
N TRP B 104 -0.09 33.00 9.19
CA TRP B 104 -0.56 34.15 9.95
C TRP B 104 -1.95 34.49 9.40
N SER B 105 -2.75 35.14 10.23
CA SER B 105 -4.14 35.38 9.90
C SER B 105 -4.38 36.86 9.63
N LYS B 106 -5.33 37.13 8.73
CA LYS B 106 -5.69 38.50 8.37
C LYS B 106 -7.09 38.88 8.85
N SER B 107 -7.98 37.91 9.00
CA SER B 107 -9.37 38.13 9.40
C SER B 107 -9.74 37.20 10.54
N ARG B 108 -8.94 37.25 11.61
CA ARG B 108 -9.07 36.27 12.69
C ARG B 108 -10.40 36.42 13.42
N LEU B 109 -10.78 37.64 13.75
CA LEU B 109 -12.04 37.91 14.43
C LEU B 109 -12.96 38.73 13.54
N MET B 110 -14.23 38.35 13.50
CA MET B 110 -15.22 39.03 12.67
C MET B 110 -16.50 39.23 13.47
N HIS B 111 -17.26 40.25 13.07
CA HIS B 111 -18.53 40.57 13.69
C HIS B 111 -19.27 41.52 12.75
N LYS B 112 -20.42 42.03 13.19
CA LYS B 112 -21.29 42.89 12.38
C LYS B 112 -21.52 42.30 10.99
N GLN B 113 -21.66 40.97 10.95
CA GLN B 113 -22.06 40.25 9.74
C GLN B 113 -21.19 40.58 8.53
N GLY B 114 -19.87 40.47 8.71
CA GLY B 114 -18.99 40.49 7.55
C GLY B 114 -17.70 41.30 7.63
N GLN B 115 -17.57 42.16 8.63
CA GLN B 115 -16.39 43.02 8.77
C GLN B 115 -15.54 42.58 9.96
N ILE B 116 -14.30 43.08 9.98
CA ILE B 116 -13.28 42.61 10.90
C ILE B 116 -13.38 43.33 12.24
N ARG B 117 -13.39 42.55 13.32
CA ARG B 117 -13.22 43.08 14.67
C ARG B 117 -11.73 43.12 14.98
N ASP B 118 -11.26 44.26 15.47
CA ASP B 118 -9.83 44.45 15.74
C ASP B 118 -9.31 43.38 16.70
N PHE B 119 -8.30 42.64 16.25
CA PHE B 119 -7.68 41.60 17.04
C PHE B 119 -6.19 41.84 17.23
N SER B 120 -5.73 43.07 16.97
CA SER B 120 -4.33 43.43 17.16
C SER B 120 -3.80 43.02 18.53
N THR B 121 -4.57 43.31 19.58
CA THR B 121 -4.16 43.08 20.96
C THR B 121 -5.13 42.11 21.62
N LEU B 122 -4.72 41.59 22.78
CA LEU B 122 -5.62 40.74 23.56
C LEU B 122 -6.79 41.54 24.14
N GLY B 123 -6.72 42.87 24.12
CA GLY B 123 -7.82 43.69 24.56
C GLY B 123 -8.13 43.60 26.03
N LEU B 124 -7.11 43.32 26.85
CA LEU B 124 -7.31 43.12 28.27
C LEU B 124 -7.17 44.43 29.05
N SER B 125 -8.07 44.61 30.02
CA SER B 125 -8.01 45.76 30.92
C SER B 125 -7.07 45.44 32.07
N SER B 126 -6.81 46.44 32.91
CA SER B 126 -5.91 46.24 34.05
C SER B 126 -6.47 45.21 35.02
N ALA B 127 -7.78 45.24 35.26
CA ALA B 127 -8.40 44.22 36.11
C ALA B 127 -8.39 42.85 35.44
N HIS B 128 -8.47 42.80 34.11
CA HIS B 128 -8.38 41.53 33.40
C HIS B 128 -7.00 40.92 33.54
N GLN B 129 -5.96 41.73 33.32
CA GLN B 129 -4.58 41.29 33.51
C GLN B 129 -4.37 40.73 34.91
N TRP B 130 -4.83 41.46 35.94
CA TRP B 130 -4.71 40.97 37.30
C TRP B 130 -5.37 39.62 37.49
N GLU B 131 -6.47 39.37 36.77
CA GLU B 131 -7.14 38.08 36.88
C GLU B 131 -6.22 36.95 36.43
N LEU B 132 -5.52 37.15 35.30
CA LEU B 132 -4.59 36.13 34.84
C LEU B 132 -3.35 36.04 35.72
N ILE B 133 -2.85 37.18 36.21
CA ILE B 133 -1.70 37.16 37.11
C ILE B 133 -2.05 36.42 38.41
N LYS B 134 -3.20 36.78 39.01
CA LYS B 134 -3.64 36.07 40.21
C LYS B 134 -3.87 34.59 39.91
N LEU B 135 -4.37 34.28 38.70
CA LEU B 135 -4.50 32.89 38.29
C LEU B 135 -3.16 32.18 38.28
N LEU B 136 -2.14 32.83 37.70
CA LEU B 136 -0.80 32.25 37.64
C LEU B 136 -0.24 31.97 39.03
N LEU B 137 -0.71 32.67 40.07
CA LEU B 137 -0.18 32.51 41.41
C LEU B 137 -0.93 31.48 42.25
N LYS B 138 -2.11 31.04 41.83
CA LYS B 138 -2.86 30.07 42.64
C LYS B 138 -2.20 28.69 42.55
N ARG B 139 -2.35 27.91 43.61
CA ARG B 139 -1.85 26.54 43.60
C ARG B 139 -2.84 25.63 42.89
N LYS B 140 -2.29 24.63 42.20
CA LYS B 140 -3.15 23.67 41.50
C LYS B 140 -3.94 22.83 42.49
N GLU B 141 -3.44 22.67 43.71
CA GLU B 141 -4.18 21.92 44.73
C GLU B 141 -5.44 22.67 45.18
N ASP B 142 -5.54 23.97 44.89
CA ASP B 142 -6.67 24.79 45.32
C ASP B 142 -7.62 25.13 44.17
N LEU B 143 -7.52 24.42 43.05
CA LEU B 143 -8.33 24.66 41.87
C LEU B 143 -9.06 23.41 41.43
N ASP B 144 -9.57 22.63 42.38
CA ASP B 144 -10.29 21.41 42.04
C ASP B 144 -11.67 21.75 41.51
N ASP B 145 -12.00 21.21 40.33
CA ASP B 145 -13.32 21.31 39.72
C ASP B 145 -13.76 22.74 39.40
N ILE B 146 -12.92 23.73 39.70
CA ILE B 146 -13.26 25.11 39.40
C ILE B 146 -13.23 25.33 37.88
N THR B 147 -14.26 26.00 37.37
CA THR B 147 -14.44 26.19 35.94
C THR B 147 -14.07 27.61 35.52
N ILE B 148 -14.11 27.83 34.21
CA ILE B 148 -13.72 29.12 33.64
C ILE B 148 -14.64 30.23 34.13
N GLU B 149 -15.95 30.07 33.91
CA GLU B 149 -16.89 31.14 34.21
C GLU B 149 -17.01 31.38 35.71
N GLN B 150 -16.75 30.36 36.52
CA GLN B 150 -16.72 30.54 37.97
C GLN B 150 -15.62 31.53 38.38
N TYR B 151 -14.39 31.30 37.91
CA TYR B 151 -13.27 32.11 38.37
C TYR B 151 -13.24 33.48 37.70
N PHE B 152 -13.54 33.54 36.40
CA PHE B 152 -13.34 34.76 35.62
C PHE B 152 -14.59 35.64 35.65
N SER B 153 -14.36 36.94 35.47
CA SER B 153 -15.45 37.91 35.43
C SER B 153 -16.22 37.83 34.12
N ASP B 154 -17.41 38.42 34.11
CA ASP B 154 -18.26 38.40 32.92
C ASP B 154 -17.65 39.22 31.79
N SER B 155 -17.12 40.40 32.11
CA SER B 155 -16.51 41.23 31.07
C SER B 155 -15.25 40.59 30.51
N PHE B 156 -14.58 39.76 31.30
CA PHE B 156 -13.38 39.08 30.82
C PHE B 156 -13.72 38.11 29.69
N LEU B 157 -14.84 37.40 29.80
CA LEU B 157 -15.22 36.42 28.80
C LEU B 157 -15.65 37.03 27.48
N GLU B 158 -15.70 38.36 27.39
CA GLU B 158 -16.01 39.03 26.14
C GLU B 158 -14.80 39.71 25.53
N THR B 159 -13.63 39.59 26.16
CA THR B 159 -12.40 40.19 25.66
C THR B 159 -11.93 39.45 24.40
N ASN B 160 -11.11 40.16 23.61
CA ASN B 160 -10.37 39.51 22.52
C ASN B 160 -9.66 38.24 23.01
N PHE B 161 -9.02 38.31 24.19
CA PHE B 161 -8.26 37.17 24.69
C PHE B 161 -9.11 35.92 24.77
N TRP B 162 -10.27 36.01 25.42
CA TRP B 162 -11.06 34.80 25.64
C TRP B 162 -11.72 34.31 24.35
N TYR B 163 -12.12 35.22 23.46
CA TYR B 163 -12.67 34.80 22.18
C TYR B 163 -11.62 34.06 21.35
N LEU B 164 -10.36 34.51 21.43
CA LEU B 164 -9.29 33.82 20.73
C LEU B 164 -8.99 32.47 21.38
N TRP B 165 -8.87 32.46 22.71
CA TRP B 165 -8.47 31.24 23.41
C TRP B 165 -9.55 30.17 23.31
N ARG B 166 -10.82 30.54 23.54
CA ARG B 166 -11.88 29.54 23.50
C ARG B 166 -12.10 29.01 22.09
N SER B 167 -11.87 29.83 21.07
CA SER B 167 -12.08 29.37 19.69
C SER B 167 -10.93 28.50 19.22
N MET B 168 -9.69 28.87 19.52
CA MET B 168 -8.55 28.10 19.03
C MET B 168 -8.52 26.69 19.60
N PHE B 169 -8.88 26.54 20.87
CA PHE B 169 -8.81 25.25 21.54
C PHE B 169 -10.18 24.60 21.72
N ALA B 170 -11.25 25.23 21.22
CA ALA B 170 -12.62 24.74 21.37
C ALA B 170 -12.92 24.37 22.82
N PHE B 171 -13.05 25.42 23.63
CA PHE B 171 -13.11 25.29 25.09
C PHE B 171 -14.36 25.98 25.59
N GLN B 172 -15.14 25.25 26.38
CA GLN B 172 -16.43 25.75 26.88
C GLN B 172 -16.21 26.53 28.17
N ASN B 173 -17.08 27.51 28.40
CA ASN B 173 -16.96 28.34 29.60
C ASN B 173 -17.22 27.57 30.89
N TRP B 174 -17.70 26.35 30.82
CA TRP B 174 -17.97 25.54 32.01
C TRP B 174 -16.93 24.46 32.22
N GLN B 175 -15.79 24.56 31.56
CA GLN B 175 -14.78 23.49 31.58
C GLN B 175 -13.56 23.94 32.39
N SER B 176 -12.55 23.07 32.40
CA SER B 176 -11.49 23.13 33.42
C SER B 176 -10.70 24.43 33.37
N LEU B 177 -10.51 25.03 34.55
CA LEU B 177 -9.62 26.18 34.68
C LEU B 177 -8.16 25.77 34.61
N LEU B 178 -7.83 24.56 35.07
CA LEU B 178 -6.44 24.10 35.07
C LEU B 178 -5.79 24.19 33.70
N GLU B 179 -6.56 24.05 32.63
CA GLU B 179 -5.97 24.05 31.29
C GLU B 179 -5.57 25.46 30.87
N VAL B 180 -6.33 26.47 31.26
CA VAL B 180 -5.92 27.85 31.00
C VAL B 180 -4.68 28.19 31.81
N LYS B 181 -4.64 27.76 33.07
CA LYS B 181 -3.47 27.99 33.91
C LYS B 181 -2.23 27.32 33.34
N LEU B 182 -2.34 26.03 33.00
CA LEU B 182 -1.21 25.32 32.41
C LEU B 182 -0.71 26.00 31.14
N TYR B 183 -1.63 26.55 30.34
CA TYR B 183 -1.22 27.27 29.15
C TYR B 183 -0.43 28.53 29.50
N MET B 184 -0.88 29.27 30.52
CA MET B 184 -0.20 30.49 30.94
C MET B 184 1.23 30.20 31.38
N HIS B 185 1.41 29.24 32.29
CA HIS B 185 2.75 28.89 32.77
C HIS B 185 3.69 28.46 31.64
N ARG B 186 3.15 28.03 30.50
CA ARG B 186 3.95 27.46 29.45
C ARG B 186 4.07 28.35 28.21
N PHE B 187 3.17 29.32 28.03
CA PHE B 187 3.21 30.21 26.88
C PHE B 187 3.17 31.68 27.27
N LEU B 188 3.51 32.01 28.53
CA LEU B 188 3.57 33.41 28.93
C LEU B 188 4.51 34.17 28.00
N ASP B 189 5.66 33.57 27.69
CA ASP B 189 6.58 34.09 26.70
C ASP B 189 5.88 34.40 25.38
N ALA B 190 4.93 33.54 24.97
CA ALA B 190 4.46 33.53 23.59
C ALA B 190 2.96 33.80 23.44
N ILE B 191 2.29 34.37 24.44
CA ILE B 191 0.85 34.57 24.30
C ILE B 191 0.51 35.57 23.19
N ASP B 192 1.48 36.39 22.75
CA ASP B 192 1.23 37.27 21.61
C ASP B 192 0.80 36.48 20.37
N GLY B 193 1.32 35.27 20.18
CA GLY B 193 0.96 34.49 19.01
C GLY B 193 -0.51 34.11 18.97
N LEU B 194 -1.20 34.18 20.10
CA LEU B 194 -2.64 33.99 20.19
C LEU B 194 -3.41 34.95 19.29
N THR B 195 -2.77 36.02 18.82
CA THR B 195 -3.45 37.10 18.10
C THR B 195 -3.43 36.91 16.58
N ASP B 196 -2.26 36.68 15.99
CA ASP B 196 -2.14 36.58 14.55
C ASP B 196 -1.88 35.16 14.05
N MET B 197 -1.75 34.18 14.95
CA MET B 197 -1.45 32.78 14.62
C MET B 197 -0.05 32.60 14.03
N SER B 198 0.92 33.43 14.44
CA SER B 198 2.28 33.28 13.93
C SER B 198 2.90 31.97 14.39
N ALA B 199 2.81 31.67 15.69
CA ALA B 199 3.45 30.51 16.26
C ALA B 199 2.83 29.19 15.81
N LEU B 200 1.71 29.22 15.10
CA LEU B 200 1.08 28.00 14.62
C LEU B 200 1.75 27.52 13.33
N VAL B 201 1.87 26.20 13.20
CA VAL B 201 2.53 25.58 12.06
C VAL B 201 1.73 24.34 11.66
N PHE B 202 1.43 24.23 10.37
CA PHE B 202 0.57 23.18 9.84
C PHE B 202 1.34 22.29 8.87
N PRO B 203 0.91 21.05 8.69
CA PRO B 203 1.47 20.21 7.63
C PRO B 203 0.96 20.66 6.27
N LYS B 204 1.54 20.09 5.21
CA LYS B 204 1.06 20.37 3.87
C LYS B 204 -0.40 19.92 3.70
N TYR B 205 -0.71 18.70 4.10
CA TYR B 205 -2.06 18.17 3.97
C TYR B 205 -2.77 18.21 5.32
N ASN B 206 -3.34 17.11 5.80
CA ASN B 206 -3.88 16.95 7.14
C ASN B 206 -2.83 16.27 8.04
N GLN B 207 -3.24 15.92 9.26
CA GLN B 207 -2.36 15.16 10.14
C GLN B 207 -2.29 13.68 9.76
N TYR B 208 -3.37 13.09 9.25
CA TYR B 208 -3.31 11.69 8.82
C TYR B 208 -2.37 11.51 7.63
N ASP B 209 -2.60 12.28 6.56
CA ASP B 209 -1.90 12.05 5.31
C ASP B 209 -0.44 12.52 5.34
N SER B 210 -0.11 13.53 6.14
CA SER B 210 1.24 14.07 6.13
C SER B 210 2.14 13.46 7.19
N PHE B 211 1.58 13.03 8.32
CA PHE B 211 2.35 12.50 9.44
C PHE B 211 2.14 11.01 9.66
N VAL B 212 0.88 10.58 9.76
CA VAL B 212 0.61 9.22 10.24
C VAL B 212 0.94 8.18 9.18
N VAL B 213 0.61 8.44 7.91
CA VAL B 213 0.85 7.42 6.88
C VAL B 213 2.35 7.25 6.63
N PRO B 214 3.21 8.29 6.68
CA PRO B 214 4.65 7.99 6.66
C PRO B 214 5.10 7.23 7.89
N LEU B 215 4.46 7.47 9.05
CA LEU B 215 4.82 6.73 10.25
C LEU B 215 4.35 5.28 10.14
N VAL B 216 3.19 5.05 9.52
CA VAL B 216 2.74 3.69 9.28
C VAL B 216 3.63 3.04 8.22
N ASN B 217 3.71 3.64 7.03
CA ASN B 217 4.71 3.29 6.02
C ASN B 217 6.13 3.34 6.58
N TYR B 218 6.35 2.72 7.74
CA TYR B 218 7.64 2.67 8.39
C TYR B 218 7.55 1.66 9.53
N LEU B 219 6.45 1.73 10.28
CA LEU B 219 6.26 0.77 11.36
C LEU B 219 6.00 -0.63 10.80
N LYS B 220 5.21 -0.73 9.73
CA LYS B 220 5.04 -2.03 9.07
C LYS B 220 6.34 -2.48 8.43
N GLY B 221 7.09 -1.56 7.83
CA GLY B 221 8.40 -1.85 7.29
C GLY B 221 9.46 -2.17 8.33
N GLN B 222 9.08 -2.17 9.60
CA GLN B 222 9.92 -2.65 10.68
C GLN B 222 9.38 -3.94 11.28
N GLY B 223 8.21 -4.38 10.85
CA GLY B 223 7.66 -5.64 11.27
C GLY B 223 6.64 -5.58 12.39
N VAL B 224 6.04 -4.41 12.65
CA VAL B 224 5.05 -4.32 13.71
C VAL B 224 3.77 -4.98 13.22
N ASN B 225 3.12 -5.72 14.09
CA ASN B 225 1.93 -6.47 13.73
C ASN B 225 0.69 -5.62 14.02
N VAL B 226 -0.25 -5.62 13.08
CA VAL B 226 -1.52 -4.91 13.24
C VAL B 226 -2.61 -5.97 13.24
N GLU B 227 -3.56 -5.83 14.16
CA GLU B 227 -4.60 -6.84 14.36
C GLU B 227 -5.92 -6.10 14.58
N PHE B 228 -6.61 -5.82 13.47
CA PHE B 228 -7.89 -5.10 13.49
C PHE B 228 -8.99 -5.86 14.21
N GLY B 229 -10.18 -5.26 14.26
CA GLY B 229 -11.36 -5.89 14.85
C GLY B 229 -11.19 -6.35 16.27
N THR B 230 -10.21 -5.81 16.99
CA THR B 230 -9.89 -6.24 18.35
C THR B 230 -10.17 -5.07 19.29
N ARG B 231 -11.32 -5.10 19.97
CA ARG B 231 -11.67 -4.09 20.96
C ARG B 231 -11.42 -4.63 22.35
N VAL B 232 -10.44 -4.04 23.04
CA VAL B 232 -10.12 -4.43 24.40
C VAL B 232 -11.11 -3.77 25.34
N TYR B 233 -11.67 -4.54 26.27
CA TYR B 233 -12.63 -4.01 27.22
C TYR B 233 -12.16 -4.10 28.66
N ASP B 234 -11.09 -4.84 28.93
CA ASP B 234 -10.54 -4.98 30.27
C ASP B 234 -9.20 -5.69 30.20
N LEU B 235 -8.43 -5.55 31.29
CA LEU B 235 -7.22 -6.32 31.52
C LEU B 235 -7.32 -6.90 32.92
N ASP B 236 -7.09 -8.19 33.05
CA ASP B 236 -7.05 -8.83 34.36
C ASP B 236 -5.62 -8.84 34.87
N MET B 237 -5.45 -8.44 36.13
CA MET B 237 -4.14 -8.10 36.66
C MET B 237 -3.89 -8.79 37.98
N THR B 238 -2.65 -9.20 38.20
CA THR B 238 -2.21 -9.75 39.47
C THR B 238 -1.63 -8.63 40.33
N ASP B 239 -1.74 -8.80 41.65
CA ASP B 239 -1.44 -7.72 42.61
C ASP B 239 -0.72 -8.30 43.82
N ASN B 240 0.60 -8.29 43.81
CA ASN B 240 1.37 -8.69 45.00
C ASN B 240 1.99 -7.45 45.63
N ASN B 241 1.59 -7.14 46.88
CA ASN B 241 2.18 -6.08 47.69
C ASN B 241 1.92 -4.68 47.12
N GLY B 242 0.75 -4.47 46.52
CA GLY B 242 0.47 -3.18 45.92
C GLY B 242 1.15 -2.90 44.61
N GLU B 243 1.65 -3.93 43.93
CA GLU B 243 2.30 -3.78 42.64
C GLU B 243 1.52 -4.64 41.66
N ARG B 244 1.09 -4.03 40.55
CA ARG B 244 0.16 -4.65 39.64
C ARG B 244 0.89 -5.02 38.36
N THR B 245 0.50 -6.14 37.79
CA THR B 245 1.05 -6.62 36.53
C THR B 245 -0.10 -7.03 35.63
N VAL B 246 0.00 -6.69 34.35
CA VAL B 246 -1.02 -7.09 33.40
C VAL B 246 -0.77 -8.57 33.06
N THR B 247 -1.79 -9.39 33.27
CA THR B 247 -1.69 -10.82 32.98
C THR B 247 -2.34 -11.19 31.66
N SER B 248 -3.49 -10.60 31.35
CA SER B 248 -4.21 -10.92 30.14
C SER B 248 -4.89 -9.68 29.61
N ILE B 249 -5.03 -9.62 28.29
CA ILE B 249 -5.80 -8.60 27.60
C ILE B 249 -7.12 -9.22 27.21
N LEU B 250 -8.22 -8.75 27.82
CA LEU B 250 -9.55 -9.23 27.50
C LEU B 250 -10.13 -8.37 26.37
N ALA B 251 -10.11 -8.92 25.17
CA ALA B 251 -10.63 -8.25 23.99
C ALA B 251 -11.79 -9.04 23.40
N LYS B 252 -12.55 -8.36 22.54
CA LYS B 252 -13.56 -9.00 21.70
C LYS B 252 -13.09 -8.89 20.25
N VAL B 253 -12.72 -10.02 19.67
CA VAL B 253 -12.20 -10.08 18.32
C VAL B 253 -13.27 -10.63 17.40
N ASP B 254 -13.66 -9.81 16.41
CA ASP B 254 -14.67 -10.17 15.42
C ASP B 254 -15.92 -10.78 16.08
N GLY B 255 -16.32 -10.20 17.21
CA GLY B 255 -17.54 -10.56 17.89
C GLY B 255 -17.50 -11.76 18.82
N ARG B 256 -16.31 -12.23 19.20
CA ARG B 256 -16.22 -13.35 20.12
C ARG B 256 -15.11 -13.06 21.13
N ASP B 257 -15.40 -13.38 22.40
CA ASP B 257 -14.46 -13.09 23.48
C ASP B 257 -13.14 -13.84 23.28
N GLN B 258 -12.04 -13.13 23.51
CA GLN B 258 -10.71 -13.72 23.55
C GLN B 258 -10.01 -13.34 24.85
N LYS B 259 -8.81 -13.89 25.04
CA LYS B 259 -7.96 -13.61 26.18
C LYS B 259 -6.51 -13.77 25.73
N ILE B 260 -5.73 -12.70 25.81
CA ILE B 260 -4.38 -12.65 25.28
C ILE B 260 -3.40 -12.65 26.44
N ASP B 261 -2.49 -13.61 26.45
CA ASP B 261 -1.55 -13.77 27.55
C ASP B 261 -0.35 -12.85 27.40
N ILE B 262 0.12 -12.34 28.54
CA ILE B 262 1.28 -11.47 28.62
C ILE B 262 2.29 -12.20 29.50
N GLY B 263 3.45 -12.50 28.95
CA GLY B 263 4.44 -13.33 29.62
C GLY B 263 5.28 -12.69 30.70
N ALA B 264 4.66 -11.88 31.56
CA ALA B 264 5.34 -11.16 32.64
C ALA B 264 6.46 -10.24 32.15
N LYS B 265 7.21 -10.65 31.14
CA LYS B 265 8.25 -9.80 30.59
C LYS B 265 7.68 -8.72 29.68
N ASP B 266 6.47 -8.91 29.15
CA ASP B 266 5.88 -8.00 28.20
C ASP B 266 5.41 -6.72 28.87
N VAL B 267 5.06 -5.74 28.05
CA VAL B 267 4.58 -4.43 28.51
C VAL B 267 3.37 -4.06 27.66
N VAL B 268 2.46 -3.31 28.27
CA VAL B 268 1.15 -3.02 27.69
C VAL B 268 0.93 -1.51 27.68
N PHE B 269 0.56 -0.98 26.52
CA PHE B 269 0.22 0.43 26.35
C PHE B 269 -1.23 0.50 25.92
N ALA B 270 -2.01 1.34 26.59
CA ALA B 270 -3.45 1.40 26.36
C ALA B 270 -3.92 2.85 26.22
N LEU B 271 -4.53 3.15 25.08
CA LEU B 271 -5.32 4.37 24.93
C LEU B 271 -6.61 4.22 25.74
N THR B 272 -6.82 5.12 26.70
CA THR B 272 -7.85 4.89 27.71
C THR B 272 -9.24 5.36 27.25
N GLY B 273 -9.37 6.66 26.97
CA GLY B 273 -10.65 7.25 26.69
C GLY B 273 -10.96 7.34 25.20
N SER B 274 -12.13 7.90 24.91
CA SER B 274 -12.54 8.21 23.55
C SER B 274 -13.02 9.65 23.46
N MET B 275 -12.84 10.25 22.29
CA MET B 275 -13.37 11.57 21.99
C MET B 275 -14.29 11.55 20.79
N THR B 276 -14.44 10.41 20.12
CA THR B 276 -15.34 10.28 18.97
C THR B 276 -16.41 9.23 19.21
N GLU B 277 -16.58 8.80 20.46
CA GLU B 277 -17.58 7.79 20.79
C GLU B 277 -18.98 8.35 20.61
N GLY B 278 -19.81 7.61 19.90
CA GLY B 278 -21.18 8.04 19.64
C GLY B 278 -21.31 9.27 18.75
N THR B 279 -20.49 9.37 17.72
CA THR B 279 -20.58 10.50 16.80
C THR B 279 -21.79 10.32 15.89
N ALA B 280 -22.69 11.30 15.88
CA ALA B 280 -23.84 11.30 14.99
C ALA B 280 -23.56 12.18 13.78
N TYR B 281 -23.80 11.62 12.58
CA TYR B 281 -23.48 12.30 11.34
C TYR B 281 -24.75 12.82 10.66
N GLY B 282 -24.56 13.72 9.71
CA GLY B 282 -25.64 14.32 8.96
C GLY B 282 -25.07 15.01 7.74
N ASP B 283 -25.96 15.65 6.96
CA ASP B 283 -25.44 16.39 5.81
C ASP B 283 -26.43 17.49 5.40
N LEU B 284 -26.50 17.76 4.10
CA LEU B 284 -27.06 19.00 3.59
C LEU B 284 -28.54 19.15 3.91
N ASP B 285 -29.30 18.05 3.94
CA ASP B 285 -30.75 18.13 4.07
C ASP B 285 -31.30 17.34 5.24
N THR B 286 -30.45 16.64 5.98
CA THR B 286 -30.86 15.82 7.12
C THR B 286 -30.02 16.20 8.33
N ALA B 287 -30.68 16.38 9.47
CA ALA B 287 -29.96 16.68 10.71
C ALA B 287 -29.66 15.41 11.48
N PRO B 288 -28.72 15.45 12.42
CA PRO B 288 -28.46 14.27 13.26
C PRO B 288 -29.36 14.20 14.48
N ASP B 289 -29.43 12.98 15.04
CA ASP B 289 -30.27 12.68 16.18
C ASP B 289 -29.52 11.69 17.07
N LEU B 290 -30.07 11.41 18.25
CA LEU B 290 -29.47 10.50 19.23
C LEU B 290 -28.15 11.04 19.76
N THR B 295 -25.01 8.04 26.32
CA THR B 295 -24.45 7.36 27.48
C THR B 295 -23.66 6.13 27.03
N PRO B 296 -22.44 5.98 27.56
CA PRO B 296 -21.57 4.88 27.12
C PRO B 296 -22.19 3.52 27.41
N PRO B 297 -21.99 2.54 26.52
CA PRO B 297 -22.47 1.17 26.78
C PRO B 297 -21.76 0.48 27.94
N GLY B 298 -21.57 -0.83 27.82
CA GLY B 298 -20.95 -1.62 28.88
C GLY B 298 -19.52 -2.01 28.57
N ASP B 299 -19.33 -3.17 27.96
CA ASP B 299 -18.04 -3.53 27.38
C ASP B 299 -18.01 -3.26 25.88
N SER B 300 -19.08 -2.68 25.34
CA SER B 300 -19.17 -2.34 23.93
C SER B 300 -18.64 -0.95 23.62
N SER B 301 -18.17 -0.21 24.62
CA SER B 301 -17.77 1.17 24.41
C SER B 301 -16.25 1.30 24.43
N ASP B 302 -15.78 2.46 23.95
CA ASP B 302 -14.37 2.80 24.05
C ASP B 302 -13.99 3.15 25.48
N TRP B 303 -14.98 3.56 26.29
CA TRP B 303 -14.79 3.84 27.70
C TRP B 303 -14.78 2.59 28.55
N ALA B 304 -15.10 1.44 27.97
CA ALA B 304 -15.18 0.18 28.73
C ALA B 304 -13.87 -0.11 29.45
N LEU B 305 -12.74 -0.02 28.73
CA LEU B 305 -11.45 -0.35 29.32
C LEU B 305 -11.17 0.51 30.54
N TRP B 306 -11.40 1.82 30.44
CA TRP B 306 -11.16 2.71 31.57
C TRP B 306 -12.17 2.47 32.68
N GLN B 307 -13.44 2.28 32.32
CA GLN B 307 -14.46 2.04 33.33
C GLN B 307 -14.15 0.78 34.14
N ASN B 308 -13.78 -0.31 33.46
CA ASN B 308 -13.39 -1.53 34.16
C ASN B 308 -12.12 -1.34 34.97
N LEU B 309 -11.14 -0.60 34.42
CA LEU B 309 -9.92 -0.33 35.18
C LEU B 309 -10.18 0.47 36.44
N ALA B 310 -11.08 1.46 36.36
CA ALA B 310 -11.36 2.30 37.52
C ALA B 310 -11.90 1.49 38.70
N LYS B 311 -12.64 0.42 38.40
CA LYS B 311 -13.16 -0.44 39.46
C LYS B 311 -12.03 -1.11 40.24
N LYS B 312 -10.94 -1.46 39.57
CA LYS B 312 -9.86 -2.19 40.24
C LYS B 312 -9.21 -1.35 41.33
N SER B 313 -9.02 -0.06 41.09
CA SER B 313 -8.39 0.80 42.08
C SER B 313 -8.66 2.26 41.75
N HIS B 314 -8.47 3.11 42.75
CA HIS B 314 -8.57 4.55 42.55
C HIS B 314 -7.38 5.11 41.78
N VAL B 315 -6.27 4.37 41.73
CA VAL B 315 -5.08 4.82 41.04
C VAL B 315 -5.28 4.94 39.53
N PHE B 316 -6.43 4.50 39.03
CA PHE B 316 -6.80 4.66 37.63
C PHE B 316 -7.77 5.81 37.42
N GLY B 317 -8.15 6.50 38.49
CA GLY B 317 -8.92 7.71 38.38
C GLY B 317 -10.43 7.50 38.27
N LYS B 318 -11.13 8.59 37.97
CA LYS B 318 -12.59 8.65 37.90
C LYS B 318 -13.03 8.99 36.48
N PRO B 319 -13.20 7.99 35.62
CA PRO B 319 -13.74 8.28 34.28
C PRO B 319 -15.15 8.83 34.34
N GLU B 320 -15.86 8.61 35.46
CA GLU B 320 -17.22 9.09 35.60
C GLU B 320 -17.31 10.60 35.40
N LYS B 321 -16.24 11.34 35.72
CA LYS B 321 -16.29 12.79 35.59
C LYS B 321 -16.07 13.29 34.17
N PHE B 322 -15.65 12.44 33.24
CA PHE B 322 -15.39 12.89 31.88
C PHE B 322 -16.41 12.39 30.87
N CYS B 323 -17.02 11.23 31.11
CA CYS B 323 -18.07 10.71 30.25
C CYS B 323 -19.47 10.92 30.83
N GLY B 324 -19.59 11.75 31.86
CA GLY B 324 -20.84 11.92 32.57
C GLY B 324 -21.96 12.64 31.83
N GLN B 325 -21.68 13.86 31.36
CA GLN B 325 -22.70 14.76 30.82
C GLN B 325 -22.42 15.05 29.35
N PRO B 326 -23.00 14.27 28.43
CA PRO B 326 -22.67 14.46 27.01
C PRO B 326 -23.18 15.77 26.41
N SER B 327 -24.09 16.48 27.06
CA SER B 327 -24.44 17.82 26.58
C SER B 327 -23.36 18.83 26.94
N ARG B 328 -22.59 18.56 28.00
CA ARG B 328 -21.52 19.46 28.42
C ARG B 328 -20.23 19.22 27.67
N SER B 329 -20.01 18.03 27.13
CA SER B 329 -18.75 17.68 26.48
C SER B 329 -18.92 17.50 24.97
N MET B 330 -19.71 18.35 24.31
CA MET B 330 -20.04 18.14 22.91
C MET B 330 -20.09 19.45 22.13
N TRP B 331 -19.60 19.40 20.89
CA TRP B 331 -19.92 20.41 19.89
C TRP B 331 -19.96 19.72 18.53
N GLU B 332 -20.39 20.47 17.52
CA GLU B 332 -20.69 19.92 16.21
C GLU B 332 -19.81 20.59 15.17
N SER B 333 -19.19 19.78 14.32
CA SER B 333 -18.37 20.26 13.24
C SER B 333 -19.13 20.12 11.92
N ALA B 334 -18.53 20.62 10.84
CA ALA B 334 -19.11 20.51 9.52
C ALA B 334 -18.00 20.71 8.50
N THR B 335 -17.83 19.73 7.62
CA THR B 335 -16.83 19.80 6.56
C THR B 335 -17.53 20.18 5.27
N LEU B 336 -17.08 21.27 4.67
CA LEU B 336 -17.70 21.84 3.48
C LEU B 336 -16.79 21.53 2.28
N THR B 337 -17.35 20.89 1.27
CA THR B 337 -16.64 20.58 0.04
C THR B 337 -17.24 21.49 -1.02
N CYS B 338 -16.47 22.47 -1.47
CA CYS B 338 -17.00 23.61 -2.22
C CYS B 338 -16.43 23.63 -3.63
N LYS B 339 -17.29 23.60 -4.58
CA LYS B 339 -17.07 24.03 -5.95
C LYS B 339 -17.44 25.52 -6.06
N PRO B 340 -16.77 26.25 -6.95
CA PRO B 340 -16.86 27.71 -6.93
C PRO B 340 -18.30 28.23 -6.82
N SER B 341 -18.49 29.19 -5.93
CA SER B 341 -19.78 29.75 -5.55
C SER B 341 -19.51 31.12 -4.94
N PRO B 342 -20.53 31.88 -4.51
CA PRO B 342 -20.24 33.11 -3.76
C PRO B 342 -19.51 32.87 -2.45
N LEU B 343 -19.50 31.64 -1.94
CA LEU B 343 -18.74 31.34 -0.74
C LEU B 343 -17.24 31.37 -1.00
N THR B 344 -16.79 30.77 -2.10
CA THR B 344 -15.36 30.74 -2.39
C THR B 344 -14.84 32.09 -2.88
N GLU B 345 -15.70 32.88 -3.53
CA GLU B 345 -15.30 34.22 -3.96
C GLU B 345 -15.15 35.15 -2.76
N ARG B 346 -16.14 35.12 -1.85
CA ARG B 346 -16.03 35.85 -0.59
C ARG B 346 -14.78 35.48 0.17
N LEU B 347 -14.40 34.20 0.13
CA LEU B 347 -13.22 33.73 0.86
C LEU B 347 -11.93 34.39 0.36
N LYS B 348 -11.90 34.80 -0.92
CA LYS B 348 -10.72 35.45 -1.46
C LYS B 348 -10.38 36.73 -0.73
N ASP B 349 -11.38 37.41 -0.17
CA ASP B 349 -11.16 38.68 0.50
C ASP B 349 -10.59 38.54 1.90
N LEU B 350 -10.72 37.36 2.51
CA LEU B 350 -10.27 37.11 3.87
C LEU B 350 -8.97 36.32 3.89
N SER B 351 -8.33 36.14 2.74
CA SER B 351 -7.23 35.19 2.60
C SER B 351 -5.88 35.89 2.56
N ILE B 352 -4.86 35.22 3.10
CA ILE B 352 -3.49 35.71 2.99
C ILE B 352 -3.02 35.63 1.54
N ASN B 353 -3.46 34.61 0.81
CA ASN B 353 -3.12 34.43 -0.59
C ASN B 353 -4.40 34.16 -1.40
N ASP B 354 -4.28 33.41 -2.47
CA ASP B 354 -5.50 32.95 -3.11
C ASP B 354 -5.84 31.54 -2.62
N PRO B 355 -7.12 31.21 -2.47
CA PRO B 355 -7.48 29.87 -2.00
C PRO B 355 -6.83 28.74 -2.78
N TYR B 356 -6.78 28.84 -4.11
CA TYR B 356 -6.21 27.79 -4.94
C TYR B 356 -4.69 27.89 -5.08
N SER B 357 -4.07 28.95 -4.53
CA SER B 357 -2.63 29.15 -4.68
C SER B 357 -1.82 27.96 -4.18
N GLY B 358 -2.34 27.21 -3.21
CA GLY B 358 -1.58 26.19 -2.52
C GLY B 358 -0.94 26.65 -1.23
N LYS B 359 -0.84 27.95 -0.99
CA LYS B 359 -0.32 28.47 0.26
C LYS B 359 -1.47 28.70 1.24
N THR B 360 -1.11 29.23 2.42
CA THR B 360 -2.08 29.53 3.46
C THR B 360 -3.20 30.41 2.93
N VAL B 361 -4.41 30.21 3.46
CA VAL B 361 -5.59 30.94 3.04
C VAL B 361 -6.12 31.77 4.20
N THR B 362 -6.88 31.15 5.10
CA THR B 362 -7.42 31.87 6.24
C THR B 362 -6.41 31.98 7.37
N GLY B 363 -5.34 31.19 7.35
CA GLY B 363 -4.34 31.27 8.40
C GLY B 363 -4.77 30.66 9.71
N GLY B 364 -5.74 29.77 9.69
CA GLY B 364 -6.34 29.24 10.90
C GLY B 364 -7.82 29.53 10.93
N ILE B 365 -8.42 29.37 12.11
CA ILE B 365 -9.85 29.58 12.25
C ILE B 365 -10.17 31.06 12.15
N ILE B 366 -11.39 31.36 11.69
CA ILE B 366 -11.96 32.70 11.73
C ILE B 366 -13.20 32.63 12.61
N THR B 367 -13.25 33.47 13.65
CA THR B 367 -14.29 33.38 14.66
C THR B 367 -15.22 34.58 14.58
N PHE B 368 -16.51 34.32 14.45
CA PHE B 368 -17.53 35.36 14.48
C PHE B 368 -17.95 35.57 15.92
N THR B 369 -17.56 36.72 16.48
CA THR B 369 -17.69 36.94 17.92
C THR B 369 -19.13 37.20 18.34
N ASP B 370 -19.91 37.90 17.50
CA ASP B 370 -21.31 38.15 17.80
C ASP B 370 -22.23 37.03 17.30
N SER B 371 -21.68 35.88 16.96
CA SER B 371 -22.47 34.72 16.56
C SER B 371 -22.94 33.97 17.80
N ASN B 372 -24.25 33.74 17.90
CA ASN B 372 -24.81 33.09 19.08
C ASN B 372 -24.25 31.70 19.30
N TRP B 373 -23.77 31.04 18.24
CA TRP B 373 -23.20 29.71 18.34
C TRP B 373 -21.72 29.72 18.71
N VAL B 374 -21.08 30.89 18.72
CA VAL B 374 -19.63 31.00 18.73
C VAL B 374 -19.10 30.17 17.57
N LEU B 375 -19.34 30.63 16.34
CA LEU B 375 -19.09 29.86 15.13
C LEU B 375 -17.75 30.26 14.53
N SER B 376 -16.90 29.27 14.28
CA SER B 376 -15.61 29.45 13.65
C SER B 376 -15.51 28.57 12.40
N PHE B 377 -14.66 28.98 11.46
CA PHE B 377 -14.42 28.17 10.28
C PHE B 377 -13.00 28.39 9.77
N THR B 378 -12.47 27.36 9.09
CA THR B 378 -11.08 27.34 8.63
C THR B 378 -11.00 26.96 7.16
N CYS B 379 -10.05 27.59 6.46
CA CYS B 379 -9.57 27.12 5.16
C CYS B 379 -8.06 26.90 5.27
N ASN B 380 -7.64 25.64 5.33
CA ASN B 380 -6.22 25.31 5.39
C ASN B 380 -5.60 25.41 3.99
N ARG B 381 -4.29 25.17 3.90
CA ARG B 381 -3.59 25.13 2.63
C ARG B 381 -4.32 24.20 1.66
N GLN B 382 -4.89 24.77 0.61
CA GLN B 382 -5.86 24.02 -0.20
C GLN B 382 -5.34 23.11 -1.30
N PRO B 383 -4.47 22.17 -0.98
CA PRO B 383 -4.82 20.77 -1.24
C PRO B 383 -4.89 20.04 0.09
N HIS B 384 -6.09 19.92 0.68
CA HIS B 384 -6.14 19.38 2.03
C HIS B 384 -5.97 17.87 2.03
N PHE B 385 -6.60 17.20 1.08
CA PHE B 385 -6.33 15.79 0.91
C PHE B 385 -5.50 15.58 -0.35
N PRO B 386 -4.66 14.55 -0.40
CA PRO B 386 -3.80 14.37 -1.59
C PRO B 386 -4.58 14.13 -2.87
N THR B 387 -5.68 13.38 -2.79
CA THR B 387 -6.48 13.05 -3.96
C THR B 387 -7.60 14.04 -4.24
N GLN B 388 -7.44 15.35 -3.86
CA GLN B 388 -8.64 16.10 -4.18
C GLN B 388 -8.44 16.93 -5.44
N PRO B 389 -9.48 17.13 -6.23
CA PRO B 389 -9.33 17.86 -7.50
C PRO B 389 -9.06 19.33 -7.24
N ASP B 390 -8.67 20.03 -8.31
CA ASP B 390 -8.24 21.42 -8.20
C ASP B 390 -9.38 22.42 -8.18
N ASP B 391 -10.59 22.03 -8.60
CA ASP B 391 -11.72 22.95 -8.60
C ASP B 391 -12.55 22.85 -7.33
N VAL B 392 -12.01 22.23 -6.28
CA VAL B 392 -12.75 22.08 -5.03
C VAL B 392 -11.92 22.64 -3.89
N LEU B 393 -12.61 23.18 -2.89
CA LEU B 393 -12.01 23.66 -1.66
C LEU B 393 -12.68 22.97 -0.48
N VAL B 394 -11.88 22.60 0.51
CA VAL B 394 -12.37 21.99 1.74
C VAL B 394 -12.31 23.02 2.85
N LEU B 395 -13.48 23.47 3.30
CA LEU B 395 -13.60 24.32 4.47
C LEU B 395 -14.01 23.47 5.66
N TRP B 396 -13.54 23.87 6.84
CA TRP B 396 -13.93 23.22 8.09
C TRP B 396 -14.67 24.23 8.95
N VAL B 397 -15.79 23.81 9.52
CA VAL B 397 -16.66 24.68 10.31
C VAL B 397 -16.96 23.98 11.62
N TYR B 398 -17.12 24.76 12.69
CA TYR B 398 -17.55 24.24 13.97
C TYR B 398 -18.05 25.39 14.83
N ALA B 399 -18.81 25.05 15.87
CA ALA B 399 -19.36 26.03 16.78
C ALA B 399 -19.29 25.47 18.20
N LEU B 400 -19.47 26.34 19.19
CA LEU B 400 -19.23 25.97 20.57
C LEU B 400 -20.50 25.68 21.35
N VAL B 401 -21.48 26.57 21.33
CA VAL B 401 -22.68 26.42 22.15
C VAL B 401 -23.75 25.71 21.33
N MET B 402 -24.20 24.56 21.84
CA MET B 402 -25.28 23.79 21.24
C MET B 402 -26.62 24.11 21.86
N ASP B 403 -26.69 25.13 22.73
CA ASP B 403 -27.86 25.42 23.55
C ASP B 403 -28.72 26.55 23.00
N SER B 404 -28.26 27.30 22.01
CA SER B 404 -28.86 28.58 21.66
C SER B 404 -29.28 28.61 20.19
N LYS B 405 -30.25 29.48 19.91
CA LYS B 405 -30.68 29.73 18.54
C LYS B 405 -29.66 30.59 17.80
N GLY B 406 -29.53 30.32 16.50
CA GLY B 406 -28.62 31.09 15.66
C GLY B 406 -29.08 32.53 15.44
N ASN B 407 -28.21 33.31 14.80
CA ASN B 407 -28.50 34.71 14.52
C ASN B 407 -29.45 34.87 13.34
N HIS B 408 -29.31 34.03 12.31
CA HIS B 408 -30.17 34.09 11.13
C HIS B 408 -31.09 32.89 11.03
N VAL B 409 -30.56 31.69 11.22
CA VAL B 409 -31.37 30.48 11.34
C VAL B 409 -31.74 30.36 12.83
N LEU B 410 -33.01 30.58 13.15
CA LEU B 410 -33.45 30.61 14.54
C LEU B 410 -33.58 29.22 15.16
N LYS B 411 -32.64 28.33 14.89
CA LYS B 411 -32.69 26.98 15.44
C LYS B 411 -31.34 26.63 16.06
N PRO B 412 -31.34 25.88 17.17
CA PRO B 412 -30.08 25.36 17.71
C PRO B 412 -29.37 24.45 16.72
N MET B 413 -28.03 24.51 16.76
CA MET B 413 -27.24 23.86 15.74
C MET B 413 -27.36 22.34 15.69
N PRO B 414 -27.57 21.60 16.79
CA PRO B 414 -27.80 20.15 16.64
C PRO B 414 -29.07 19.82 15.86
N GLU B 415 -30.04 20.72 15.85
CA GLU B 415 -31.29 20.54 15.10
C GLU B 415 -31.19 21.01 13.66
N CYS B 416 -30.19 21.81 13.33
CA CYS B 416 -29.96 22.36 12.00
C CYS B 416 -29.38 21.28 11.08
N THR B 417 -29.61 21.49 9.78
CA THR B 417 -29.13 20.60 8.73
C THR B 417 -28.11 21.35 7.90
N GLY B 418 -27.29 20.58 7.16
CA GLY B 418 -26.27 21.14 6.27
C GLY B 418 -26.63 22.46 5.61
N ARG B 419 -27.80 22.49 4.96
CA ARG B 419 -28.27 23.74 4.34
C ARG B 419 -28.34 24.87 5.38
N GLU B 420 -28.92 24.58 6.54
CA GLU B 420 -29.06 25.60 7.58
C GLU B 420 -27.72 26.08 8.10
N ILE B 421 -26.76 25.16 8.27
CA ILE B 421 -25.43 25.58 8.70
C ILE B 421 -24.81 26.49 7.65
N LEU B 422 -25.11 26.24 6.37
CA LEU B 422 -24.64 27.13 5.32
C LEU B 422 -25.31 28.50 5.39
N ALA B 423 -26.54 28.56 5.91
CA ALA B 423 -27.27 29.82 5.97
C ALA B 423 -26.73 30.73 7.06
N GLU B 424 -26.54 30.19 8.26
CA GLU B 424 -25.92 30.97 9.33
C GLU B 424 -24.51 31.39 8.97
N LEU B 425 -23.76 30.50 8.30
CA LEU B 425 -22.40 30.82 7.89
C LEU B 425 -22.38 31.99 6.91
N CYS B 426 -23.25 31.95 5.89
CA CYS B 426 -23.26 33.02 4.91
C CYS B 426 -23.76 34.33 5.49
N TYR B 427 -24.63 34.25 6.50
CA TYR B 427 -25.11 35.45 7.18
C TYR B 427 -23.96 36.20 7.86
N HIS B 428 -23.22 35.51 8.73
CA HIS B 428 -22.06 36.13 9.36
C HIS B 428 -20.96 36.44 8.37
N LEU B 429 -20.99 35.79 7.20
CA LEU B 429 -20.06 36.10 6.14
C LEU B 429 -20.53 37.27 5.27
N GLY B 430 -21.80 37.66 5.39
CA GLY B 430 -22.32 38.77 4.63
C GLY B 430 -22.83 38.40 3.25
N ILE B 431 -23.14 37.12 3.02
CA ILE B 431 -23.63 36.68 1.72
C ILE B 431 -24.85 35.78 1.91
N VAL B 432 -25.84 36.28 2.64
CA VAL B 432 -27.05 35.50 2.93
C VAL B 432 -28.03 35.52 1.76
N ASP B 433 -27.97 36.56 0.91
CA ASP B 433 -28.83 36.60 -0.26
C ASP B 433 -28.40 35.59 -1.31
N GLN B 434 -27.23 34.96 -1.17
CA GLN B 434 -26.74 33.98 -2.12
C GLN B 434 -26.58 32.60 -1.48
N VAL B 435 -27.47 32.25 -0.54
CA VAL B 435 -27.40 30.94 0.10
C VAL B 435 -27.74 29.85 -0.91
N ASP B 436 -28.82 30.04 -1.66
CA ASP B 436 -29.22 29.06 -2.67
C ASP B 436 -28.08 28.77 -3.63
N GLU B 437 -27.31 29.80 -3.97
CA GLU B 437 -26.20 29.62 -4.90
C GLU B 437 -25.10 28.74 -4.30
N VAL B 438 -24.65 29.05 -3.09
CA VAL B 438 -23.60 28.25 -2.48
C VAL B 438 -24.13 26.88 -2.06
N ALA B 439 -25.41 26.80 -1.66
CA ALA B 439 -25.97 25.54 -1.21
C ALA B 439 -25.95 24.51 -2.34
N ARG B 440 -26.31 24.94 -3.55
CA ARG B 440 -26.33 24.02 -4.68
C ARG B 440 -24.93 23.64 -5.14
N GLN B 441 -23.94 24.48 -4.85
CA GLN B 441 -22.57 24.27 -5.34
C GLN B 441 -21.68 23.49 -4.36
N THR B 442 -22.07 23.39 -3.09
CA THR B 442 -21.20 22.84 -2.05
C THR B 442 -21.86 21.72 -1.27
N LYS B 443 -21.11 20.64 -1.06
CA LYS B 443 -21.55 19.52 -0.24
C LYS B 443 -21.07 19.72 1.19
N VAL B 444 -22.00 19.60 2.14
CA VAL B 444 -21.71 19.74 3.56
C VAL B 444 -22.01 18.42 4.25
N ARG B 445 -21.08 17.96 5.08
CA ARG B 445 -21.27 16.78 5.91
C ARG B 445 -21.06 17.16 7.37
N LEU B 446 -21.98 16.73 8.22
CA LEU B 446 -22.00 17.15 9.62
C LEU B 446 -21.45 16.07 10.53
N ALA B 447 -20.90 16.49 11.66
CA ALA B 447 -20.49 15.58 12.72
C ALA B 447 -20.86 16.19 14.06
N LEU B 448 -21.63 15.46 14.86
CA LEU B 448 -22.04 15.91 16.19
C LEU B 448 -21.41 14.95 17.18
N MET B 449 -20.26 15.35 17.71
CA MET B 449 -19.49 14.49 18.60
C MET B 449 -19.83 14.82 20.04
N PRO B 450 -20.27 13.84 20.83
CA PRO B 450 -20.71 14.12 22.20
C PRO B 450 -19.60 14.07 23.25
N PHE B 451 -18.39 13.67 22.89
CA PHE B 451 -17.26 13.66 23.82
C PHE B 451 -16.04 14.37 23.25
N ILE B 452 -16.21 15.26 22.29
CA ILE B 452 -15.08 15.92 21.65
C ILE B 452 -14.35 16.87 22.60
N THR B 453 -14.97 17.25 23.73
CA THR B 453 -14.30 18.06 24.75
C THR B 453 -14.41 17.42 26.13
N ALA B 454 -14.49 16.09 26.18
CA ALA B 454 -14.58 15.40 27.45
C ALA B 454 -13.29 15.49 28.24
N GLN B 455 -12.16 15.69 27.56
CA GLN B 455 -10.90 15.85 28.29
C GLN B 455 -10.83 17.19 29.01
N PHE B 456 -11.55 18.20 28.50
CA PHE B 456 -11.57 19.53 29.09
C PHE B 456 -12.51 19.65 30.29
N MET B 457 -13.21 18.58 30.67
CA MET B 457 -14.21 18.68 31.71
C MET B 457 -13.56 18.96 33.07
N PRO B 458 -14.28 19.59 33.99
CA PRO B 458 -13.72 19.87 35.31
C PRO B 458 -13.27 18.58 36.00
N ARG B 459 -12.19 18.71 36.78
CA ARG B 459 -11.55 17.55 37.38
C ARG B 459 -10.85 17.96 38.67
N ALA B 460 -10.56 16.97 39.50
CA ALA B 460 -9.80 17.15 40.73
C ALA B 460 -8.60 16.20 40.72
N ALA B 461 -7.68 16.45 41.64
CA ALA B 461 -6.49 15.61 41.76
C ALA B 461 -6.88 14.16 42.00
N GLY B 462 -6.29 13.25 41.23
CA GLY B 462 -6.62 11.85 41.31
C GLY B 462 -7.67 11.37 40.33
N ASP B 463 -8.38 12.28 39.66
CA ASP B 463 -9.42 11.88 38.72
C ASP B 463 -8.82 11.20 37.50
N ARG B 464 -7.58 11.53 37.13
CA ARG B 464 -6.94 10.89 36.01
C ARG B 464 -5.72 10.11 36.47
N PRO B 465 -5.48 8.92 35.92
CA PRO B 465 -4.28 8.17 36.28
C PRO B 465 -3.06 8.78 35.62
N ARG B 466 -1.90 8.55 36.24
CA ARG B 466 -0.66 8.92 35.60
C ARG B 466 -0.39 7.98 34.43
N VAL B 467 0.65 8.32 33.64
CA VAL B 467 1.03 7.45 32.53
C VAL B 467 1.37 6.05 33.03
N VAL B 468 2.10 5.98 34.14
CA VAL B 468 2.26 4.73 34.89
C VAL B 468 1.68 4.95 36.29
N PRO B 469 0.51 4.40 36.59
CA PRO B 469 -0.06 4.55 37.93
C PRO B 469 0.82 3.89 38.97
N ALA B 470 0.68 4.37 40.21
CA ALA B 470 1.52 3.86 41.30
C ALA B 470 1.24 2.38 41.52
N GLY B 471 2.26 1.55 41.32
CA GLY B 471 2.14 0.11 41.45
C GLY B 471 2.30 -0.63 40.14
N CYS B 472 1.89 -0.02 39.04
CA CYS B 472 1.91 -0.70 37.75
C CYS B 472 3.35 -0.93 37.30
N THR B 473 3.62 -2.13 36.78
CA THR B 473 4.96 -2.51 36.36
C THR B 473 5.10 -2.79 34.88
N ASN B 474 3.99 -2.98 34.15
CA ASN B 474 4.07 -3.27 32.72
C ASN B 474 2.92 -2.62 31.95
N LEU B 475 2.23 -1.65 32.54
CA LEU B 475 1.09 -1.00 31.88
C LEU B 475 1.30 0.50 31.87
N ALA B 476 1.16 1.10 30.69
CA ALA B 476 1.22 2.54 30.52
C ALA B 476 -0.02 3.00 29.75
N LEU B 477 -0.60 4.11 30.18
CA LEU B 477 -1.81 4.65 29.57
C LEU B 477 -1.48 5.87 28.73
N LEU B 478 -2.30 6.12 27.71
CA LEU B 478 -2.02 7.13 26.70
C LEU B 478 -3.26 8.00 26.49
N GLY B 479 -3.03 9.14 25.85
CA GLY B 479 -4.08 10.01 25.39
C GLY B 479 -4.23 11.27 26.22
N GLN B 480 -5.42 11.88 26.10
CA GLN B 480 -5.72 13.18 26.71
C GLN B 480 -6.43 13.04 28.05
N PHE B 481 -6.49 11.83 28.61
CA PHE B 481 -7.12 11.58 29.90
C PHE B 481 -6.13 11.04 30.91
N VAL B 482 -4.85 11.38 30.73
CA VAL B 482 -3.78 10.92 31.59
C VAL B 482 -3.07 12.14 32.16
N GLU B 483 -2.59 12.01 33.39
CA GLU B 483 -1.98 13.13 34.10
C GLU B 483 -0.47 13.10 33.86
N THR B 484 0.03 14.11 33.17
CA THR B 484 1.46 14.34 33.07
C THR B 484 1.77 15.49 34.02
N SER B 485 2.36 16.56 33.49
CA SER B 485 2.35 17.85 34.17
C SER B 485 1.93 18.97 33.23
N ASN B 486 1.41 18.64 32.05
CA ASN B 486 1.24 19.57 30.95
C ASN B 486 -0.22 19.60 30.50
N ASP B 487 -0.50 20.44 29.50
CA ASP B 487 -1.84 20.60 28.98
C ASP B 487 -2.21 19.45 28.05
N ILE B 488 -3.53 19.32 27.84
CA ILE B 488 -4.09 18.38 26.90
C ILE B 488 -4.78 19.10 25.74
N ILE B 489 -4.64 20.43 25.67
CA ILE B 489 -5.36 21.21 24.67
C ILE B 489 -4.71 21.14 23.31
N PHE B 490 -3.48 20.65 23.23
CA PHE B 490 -2.83 20.31 21.97
C PHE B 490 -2.89 18.79 21.83
N THR B 491 -3.68 18.30 20.88
CA THR B 491 -4.02 16.88 20.85
C THR B 491 -2.82 16.02 20.43
N MET B 492 -2.19 16.34 19.30
CA MET B 492 -1.10 15.49 18.82
C MET B 492 0.11 15.57 19.75
N GLU B 493 0.46 16.79 20.18
CA GLU B 493 1.58 16.95 21.11
C GLU B 493 1.34 16.14 22.39
N SER B 494 0.13 16.21 22.93
CA SER B 494 -0.15 15.50 24.18
C SER B 494 -0.13 14.00 23.98
N SER B 495 -0.56 13.51 22.81
CA SER B 495 -0.53 12.08 22.55
C SER B 495 0.90 11.56 22.48
N VAL B 496 1.80 12.29 21.82
CA VAL B 496 3.19 11.87 21.70
C VAL B 496 3.90 11.98 23.04
N ARG B 497 3.59 13.02 23.83
CA ARG B 497 4.20 13.17 25.14
C ARG B 497 3.92 11.97 26.04
N THR B 498 2.65 11.52 26.08
CA THR B 498 2.33 10.35 26.88
C THR B 498 3.04 9.11 26.35
N ALA B 499 3.16 8.98 25.03
CA ALA B 499 3.84 7.84 24.45
C ALA B 499 5.30 7.75 24.90
N ARG B 500 6.01 8.89 24.89
CA ARG B 500 7.42 8.87 25.26
C ARG B 500 7.61 8.59 26.74
N ILE B 501 6.80 9.23 27.60
CA ILE B 501 6.86 8.97 29.03
C ILE B 501 6.61 7.49 29.32
N GLY B 502 5.63 6.89 28.65
CA GLY B 502 5.32 5.49 28.89
C GLY B 502 6.46 4.56 28.55
N VAL B 503 7.00 4.69 27.34
CA VAL B 503 8.08 3.80 26.89
C VAL B 503 9.33 3.99 27.74
N TYR B 504 9.65 5.24 28.08
CA TYR B 504 10.84 5.51 28.88
C TYR B 504 10.69 4.97 30.30
N THR B 505 9.54 5.22 30.93
CA THR B 505 9.34 4.83 32.32
C THR B 505 9.37 3.31 32.49
N LEU B 506 8.60 2.60 31.67
CA LEU B 506 8.55 1.14 31.78
C LEU B 506 9.94 0.52 31.55
N LEU B 507 10.75 1.14 30.71
CA LEU B 507 12.11 0.66 30.48
C LEU B 507 13.11 1.50 31.27
N GLY B 508 13.95 2.25 30.56
CA GLY B 508 14.89 3.15 31.17
C GLY B 508 15.12 4.34 30.26
N LEU B 509 15.53 5.45 30.86
CA LEU B 509 15.77 6.67 30.10
C LEU B 509 17.12 6.60 29.40
N TYR B 521 13.69 30.01 35.54
CA TYR B 521 12.89 31.18 35.19
C TYR B 521 13.77 32.23 34.53
N ASP B 522 13.41 32.63 33.31
CA ASP B 522 14.28 33.49 32.51
C ASP B 522 14.22 34.96 32.92
N VAL B 523 13.12 35.39 33.54
CA VAL B 523 12.86 36.78 33.94
C VAL B 523 12.61 37.64 32.70
N ARG B 524 13.42 37.46 31.66
CA ARG B 524 13.13 38.09 30.38
C ARG B 524 11.78 37.61 29.84
N ASN B 525 11.38 36.40 30.21
CA ASN B 525 10.06 35.91 29.82
C ASN B 525 8.97 36.60 30.62
N LEU B 526 9.25 36.90 31.88
CA LEU B 526 8.30 37.65 32.70
C LEU B 526 8.09 39.06 32.14
N ILE B 527 9.16 39.66 31.60
CA ILE B 527 9.04 40.94 30.93
C ILE B 527 8.36 40.77 29.58
N LYS B 528 8.69 39.70 28.85
CA LYS B 528 8.03 39.41 27.58
C LYS B 528 6.53 39.22 27.78
N GLY B 529 6.13 38.63 28.89
CA GLY B 529 4.72 38.40 29.12
C GLY B 529 3.96 39.69 29.40
N ALA B 530 4.46 40.49 30.35
CA ALA B 530 3.75 41.68 30.80
C ALA B 530 3.43 42.62 29.64
N ARG B 531 4.31 42.69 28.64
CA ARG B 531 4.04 43.55 27.49
C ARG B 531 2.88 43.03 26.67
N ALA B 532 2.77 41.71 26.50
CA ALA B 532 1.66 41.13 25.75
C ALA B 532 0.34 41.30 26.51
N LEU B 533 0.36 41.07 27.83
CA LEU B 533 -0.85 41.28 28.63
C LEU B 533 -1.32 42.73 28.56
N ASN B 534 -0.41 43.69 28.44
CA ASN B 534 -0.76 45.11 28.42
C ASN B 534 -0.95 45.64 27.01
N ASN B 535 -1.28 44.77 26.06
CA ASN B 535 -1.62 45.20 24.70
C ASN B 535 -0.48 46.02 24.09
N ASN B 536 0.75 45.58 24.33
CA ASN B 536 1.97 46.13 23.75
C ASN B 536 2.38 47.46 24.36
N GLU B 537 1.51 48.05 25.20
CA GLU B 537 1.95 49.25 25.91
C GLU B 537 2.87 48.89 27.06
N PRO B 538 3.84 49.75 27.38
CA PRO B 538 4.74 49.50 28.52
C PRO B 538 3.95 49.18 29.77
N PHE B 539 4.40 48.15 30.50
CA PHE B 539 3.64 47.69 31.66
C PHE B 539 3.96 48.56 32.87
N MET B 540 3.58 48.08 34.05
CA MET B 540 3.53 48.90 35.26
C MET B 540 4.88 49.52 35.63
N GLY B 541 5.78 48.72 36.18
CA GLY B 541 7.07 49.19 36.64
C GLY B 541 8.11 49.43 35.58
N GLU B 542 7.73 49.42 34.29
CA GLU B 542 8.73 49.38 33.23
C GLU B 542 9.50 50.69 33.13
N ARG B 543 8.78 51.82 33.07
CA ARG B 543 9.47 53.11 33.00
C ARG B 543 10.31 53.35 34.24
N LEU B 544 9.83 52.90 35.40
CA LEU B 544 10.66 52.93 36.60
C LEU B 544 11.86 52.00 36.44
N LEU B 545 11.61 50.78 35.97
CA LEU B 545 12.69 49.83 35.75
C LEU B 545 13.68 50.34 34.71
N HIS B 546 13.21 51.13 33.74
CA HIS B 546 14.16 51.73 32.82
C HIS B 546 15.06 52.71 33.55
N ARG B 547 14.46 53.61 34.33
CA ARG B 547 15.23 54.64 35.03
C ARG B 547 16.28 54.02 35.94
N LEU B 548 16.00 52.83 36.48
CA LEU B 548 16.93 52.18 37.39
C LEU B 548 18.02 51.37 36.68
N LEU B 549 17.75 50.83 35.49
CA LEU B 549 18.64 49.86 34.85
C LEU B 549 19.25 50.30 33.52
N ASP B 550 18.80 51.41 32.94
CA ASP B 550 19.18 51.74 31.58
C ASP B 550 20.68 51.97 31.41
N ASN B 551 21.37 52.45 32.44
CA ASN B 551 22.79 52.75 32.39
C ASN B 551 23.55 51.80 33.31
N THR B 552 23.13 50.54 33.31
CA THR B 552 23.67 49.53 34.21
C THR B 552 24.08 48.29 33.42
N TYR B 553 24.62 47.32 34.15
CA TYR B 553 25.03 46.05 33.56
C TYR B 553 23.86 45.32 32.91
N PHE B 554 22.64 45.53 33.41
CA PHE B 554 21.46 44.78 33.00
C PHE B 554 20.53 45.58 32.08
N ALA B 555 21.08 46.50 31.27
CA ALA B 555 20.25 47.30 30.38
C ALA B 555 19.50 46.44 29.36
N HIS B 556 20.07 45.30 28.97
CA HIS B 556 19.50 44.47 27.90
C HIS B 556 18.23 43.75 28.32
N ILE B 557 17.92 43.69 29.62
CA ILE B 557 16.71 43.00 30.05
C ILE B 557 15.44 43.72 29.59
N LEU B 558 15.53 45.00 29.26
CA LEU B 558 14.33 45.73 28.86
C LEU B 558 14.26 45.96 27.35
N PRO B 559 13.06 45.95 26.78
CA PRO B 559 12.89 46.30 25.36
C PRO B 559 12.68 47.81 25.21
N PRO B 560 11.89 48.29 24.22
CA PRO B 560 11.78 49.76 24.32
C PRO B 560 10.87 50.21 25.45
#